data_1EMI
# 
_entry.id   1EMI 
# 
_audit_conform.dict_name       mmcif_pdbx.dic 
_audit_conform.dict_version    5.385 
_audit_conform.dict_location   http://mmcif.pdb.org/dictionaries/ascii/mmcif_pdbx.dic 
# 
loop_
_database_2.database_id 
_database_2.database_code 
_database_2.pdbx_database_accession 
_database_2.pdbx_DOI 
PDB   1EMI         pdb_00001emi 10.2210/pdb1emi/pdb 
NDB   RR0008       ?            ?                   
RCSB  RCSB010724   ?            ?                   
WWPDB D_1000010724 ?            ?                   
# 
loop_
_pdbx_audit_revision_history.ordinal 
_pdbx_audit_revision_history.data_content_type 
_pdbx_audit_revision_history.major_revision 
_pdbx_audit_revision_history.minor_revision 
_pdbx_audit_revision_history.revision_date 
1 'Structure model' 1 0 2000-06-12 
2 'Structure model' 1 1 2008-04-27 
3 'Structure model' 1 2 2011-07-13 
4 'Structure model' 1 3 2024-02-07 
# 
_pdbx_audit_revision_details.ordinal             1 
_pdbx_audit_revision_details.revision_ordinal    1 
_pdbx_audit_revision_details.data_content_type   'Structure model' 
_pdbx_audit_revision_details.provider            repository 
_pdbx_audit_revision_details.type                'Initial release' 
_pdbx_audit_revision_details.description         ? 
_pdbx_audit_revision_details.details             ? 
# 
loop_
_pdbx_audit_revision_group.ordinal 
_pdbx_audit_revision_group.revision_ordinal 
_pdbx_audit_revision_group.data_content_type 
_pdbx_audit_revision_group.group 
1 2 'Structure model' 'Version format compliance' 
2 3 'Structure model' 'Version format compliance' 
3 4 'Structure model' 'Data collection'           
4 4 'Structure model' 'Database references'       
# 
loop_
_pdbx_audit_revision_category.ordinal 
_pdbx_audit_revision_category.revision_ordinal 
_pdbx_audit_revision_category.data_content_type 
_pdbx_audit_revision_category.category 
1 4 'Structure model' chem_comp_atom 
2 4 'Structure model' chem_comp_bond 
3 4 'Structure model' database_2     
# 
loop_
_pdbx_audit_revision_item.ordinal 
_pdbx_audit_revision_item.revision_ordinal 
_pdbx_audit_revision_item.data_content_type 
_pdbx_audit_revision_item.item 
1 4 'Structure model' '_database_2.pdbx_DOI'                
2 4 'Structure model' '_database_2.pdbx_database_accession' 
# 
_pdbx_database_status.status_code                     REL 
_pdbx_database_status.entry_id                        1EMI 
_pdbx_database_status.recvd_initial_deposition_date   2000-03-16 
_pdbx_database_status.deposit_site                    RCSB 
_pdbx_database_status.process_site                    RCSB 
_pdbx_database_status.SG_entry                        . 
_pdbx_database_status.pdb_format_compatible           Y 
_pdbx_database_status.status_code_mr                  ? 
_pdbx_database_status.status_code_sf                  ? 
_pdbx_database_status.status_code_cs                  ? 
_pdbx_database_status.status_code_nmr_data            ? 
_pdbx_database_status.methods_development_category    ? 
# 
_pdbx_database_related.db_name        PDB 
_pdbx_database_related.db_id          486D 
_pdbx_database_related.details        'X-ray crystal structures of 70S ribosome functional complexes' 
_pdbx_database_related.content_type   unspecified 
# 
loop_
_audit_author.name 
_audit_author.pdbx_ordinal 
'Lancaster, L.'  1 
'Culver, G.M.'   2 
'Yusupova, G.Z.' 3 
'Cate, J.H.'     4 
'Yuspov, M.M.'   5 
'Noller, H.F.'   6 
# 
_citation.id                        primary 
_citation.title                     
;The location of protein S8 and surrounding elements of 16S rRNA in the 70S ribosome from combined use of directed hydroxyl radical probing and X-ray crystallography.
;
_citation.journal_abbrev            RNA 
_citation.journal_volume            6 
_citation.page_first                717 
_citation.page_last                 729 
_citation.year                      2000 
_citation.journal_id_ASTM           RNARFU 
_citation.country                   UK 
_citation.journal_id_ISSN           1355-8382 
_citation.journal_id_CSD            2122 
_citation.book_publisher            ? 
_citation.pdbx_database_id_PubMed   10836793 
_citation.pdbx_database_id_DOI      10.1017/S1355838200000303 
# 
loop_
_citation_author.citation_id 
_citation_author.name 
_citation_author.ordinal 
_citation_author.identifier_ORCID 
primary 'Lancaster, L.'  1 ? 
primary 'Culver, G.M.'   2 ? 
primary 'Yusupova, G.Z.' 3 ? 
primary 'Cate, J.H.'     4 ? 
primary 'Yusupov, M.M.'  5 ? 
primary 'Noller, H.F.'   6 ? 
# 
loop_
_entity.id 
_entity.type 
_entity.src_method 
_entity.pdbx_description 
_entity.formula_weight 
_entity.pdbx_number_of_molecules 
_entity.pdbx_ec 
_entity.pdbx_mutation 
_entity.pdbx_fragment 
_entity.details 
1 polymer nat '16S RIBOSOMAL RNA'    51921.684 1 ? ? ? 
'COORDINATES FOR THERMUS THERMOPHILUS 16S RRNA BUT SEQUENCE AND NUMBERING IS THAT OF E.COLI 16S RRNA' 
2 polymer nat 'RIBOSOMAL PROTEIN S8' 15624.214 1 ? ? ? ? 
# 
loop_
_entity_poly.entity_id 
_entity_poly.type 
_entity_poly.nstd_linkage 
_entity_poly.nstd_monomer 
_entity_poly.pdbx_seq_one_letter_code 
_entity_poly.pdbx_seq_one_letter_code_can 
_entity_poly.pdbx_strand_id 
_entity_poly.pdbx_target_identifier 
1 polyribonucleotide no no 
;GCACGCAGGCGGUUUGUUAAGUCAGAUGUGAAAUCCCCGGGCUCAACCUGGGAACUGCAUCUGAUACUGGCAAGCUUGAG
UCUCGUACGAAGACUGACGCUCAGGUGCGUCGACUUGGAGGUUGUGCUUCGUGGCUUCCGGAGCUAACGCGUUAAGUCGA
C
;
;GCACGCAGGCGGUUUGUUAAGUCAGAUGUGAAAUCCCCGGGCUCAACCUGGGAACUGCAUCUGAUACUGGCAAGCUUGAG
UCUCGUACGAAGACUGACGCUCAGGUGCGUCGACUUGGAGGUUGUGCUUCGUGGCUUCCGGAGCUAACGCGUUAAGUCGA
C
;
B ? 
2 'polypeptide(L)'   no no 
;TDPIADMLTRIRNATRVYKESTDVPASRFKEEILRILAREGFIKGYERVDVDGKPYLRVYLKYGPRRQGPDPRPEQVIHH
IRRISKPGRRVYVGVKEIPRVRRGLGIAILSTSKGVLTDREARKLGVGGELICEVW
;
;TDPIADMLTRIRNATRVYKESTDVPASRFKEEILRILAREGFIKGYERVDVDGKPYLRVYLKYGPRRQGPDPRPEQVIHH
IRRISKPGRRVYVGVKEIPRVRRGLGIAILSTSKGVLTDREARKLGVGGELICEVW
;
A ? 
# 
loop_
_entity_poly_seq.entity_id 
_entity_poly_seq.num 
_entity_poly_seq.mon_id 
_entity_poly_seq.hetero 
1 1   G   n 
1 2   C   n 
1 3   A   n 
1 4   C   n 
1 5   G   n 
1 6   C   n 
1 7   A   n 
1 8   G   n 
1 9   G   n 
1 10  C   n 
1 11  G   n 
1 12  G   n 
1 13  U   n 
1 14  U   n 
1 15  U   n 
1 16  G   n 
1 17  U   n 
1 18  U   n 
1 19  A   n 
1 20  A   n 
1 21  G   n 
1 22  U   n 
1 23  C   n 
1 24  A   n 
1 25  G   n 
1 26  A   n 
1 27  U   n 
1 28  G   n 
1 29  U   n 
1 30  G   n 
1 31  A   n 
1 32  A   n 
1 33  A   n 
1 34  U   n 
1 35  C   n 
1 36  C   n 
1 37  C   n 
1 38  C   n 
1 39  G   n 
1 40  G   n 
1 41  G   n 
1 42  C   n 
1 43  U   n 
1 44  C   n 
1 45  A   n 
1 46  A   n 
1 47  C   n 
1 48  C   n 
1 49  U   n 
1 50  G   n 
1 51  G   n 
1 52  G   n 
1 53  A   n 
1 54  A   n 
1 55  C   n 
1 56  U   n 
1 57  G   n 
1 58  C   n 
1 59  A   n 
1 60  U   n 
1 61  C   n 
1 62  U   n 
1 63  G   n 
1 64  A   n 
1 65  U   n 
1 66  A   n 
1 67  C   n 
1 68  U   n 
1 69  G   n 
1 70  G   n 
1 71  C   n 
1 72  A   n 
1 73  A   n 
1 74  G   n 
1 75  C   n 
1 76  U   n 
1 77  U   n 
1 78  G   n 
1 79  A   n 
1 80  G   n 
1 81  U   n 
1 82  C   n 
1 83  U   n 
1 84  C   n 
1 85  G   n 
1 86  U   n 
1 87  A   n 
1 88  C   n 
1 89  G   n 
1 90  A   n 
1 91  A   n 
1 92  G   n 
1 93  A   n 
1 94  C   n 
1 95  U   n 
1 96  G   n 
1 97  A   n 
1 98  C   n 
1 99  G   n 
1 100 C   n 
1 101 U   n 
1 102 C   n 
1 103 A   n 
1 104 G   n 
1 105 G   n 
1 106 U   n 
1 107 G   n 
1 108 C   n 
1 109 G   n 
1 110 U   n 
1 111 C   n 
1 112 G   n 
1 113 A   n 
1 114 C   n 
1 115 U   n 
1 116 U   n 
1 117 G   n 
1 118 G   n 
1 119 A   n 
1 120 G   n 
1 121 G   n 
1 122 U   n 
1 123 U   n 
1 124 G   n 
1 125 U   n 
1 126 G   n 
1 127 C   n 
1 128 U   n 
1 129 U   n 
1 130 C   n 
1 131 G   n 
1 132 U   n 
1 133 G   n 
1 134 G   n 
1 135 C   n 
1 136 U   n 
1 137 U   n 
1 138 C   n 
1 139 C   n 
1 140 G   n 
1 141 G   n 
1 142 A   n 
1 143 G   n 
1 144 C   n 
1 145 U   n 
1 146 A   n 
1 147 A   n 
1 148 C   n 
1 149 G   n 
1 150 C   n 
1 151 G   n 
1 152 U   n 
1 153 U   n 
1 154 A   n 
1 155 A   n 
1 156 G   n 
1 157 U   n 
1 158 C   n 
1 159 G   n 
1 160 A   n 
1 161 C   n 
2 1   THR n 
2 2   ASP n 
2 3   PRO n 
2 4   ILE n 
2 5   ALA n 
2 6   ASP n 
2 7   MET n 
2 8   LEU n 
2 9   THR n 
2 10  ARG n 
2 11  ILE n 
2 12  ARG n 
2 13  ASN n 
2 14  ALA n 
2 15  THR n 
2 16  ARG n 
2 17  VAL n 
2 18  TYR n 
2 19  LYS n 
2 20  GLU n 
2 21  SER n 
2 22  THR n 
2 23  ASP n 
2 24  VAL n 
2 25  PRO n 
2 26  ALA n 
2 27  SER n 
2 28  ARG n 
2 29  PHE n 
2 30  LYS n 
2 31  GLU n 
2 32  GLU n 
2 33  ILE n 
2 34  LEU n 
2 35  ARG n 
2 36  ILE n 
2 37  LEU n 
2 38  ALA n 
2 39  ARG n 
2 40  GLU n 
2 41  GLY n 
2 42  PHE n 
2 43  ILE n 
2 44  LYS n 
2 45  GLY n 
2 46  TYR n 
2 47  GLU n 
2 48  ARG n 
2 49  VAL n 
2 50  ASP n 
2 51  VAL n 
2 52  ASP n 
2 53  GLY n 
2 54  LYS n 
2 55  PRO n 
2 56  TYR n 
2 57  LEU n 
2 58  ARG n 
2 59  VAL n 
2 60  TYR n 
2 61  LEU n 
2 62  LYS n 
2 63  TYR n 
2 64  GLY n 
2 65  PRO n 
2 66  ARG n 
2 67  ARG n 
2 68  GLN n 
2 69  GLY n 
2 70  PRO n 
2 71  ASP n 
2 72  PRO n 
2 73  ARG n 
2 74  PRO n 
2 75  GLU n 
2 76  GLN n 
2 77  VAL n 
2 78  ILE n 
2 79  HIS n 
2 80  HIS n 
2 81  ILE n 
2 82  ARG n 
2 83  ARG n 
2 84  ILE n 
2 85  SER n 
2 86  LYS n 
2 87  PRO n 
2 88  GLY n 
2 89  ARG n 
2 90  ARG n 
2 91  VAL n 
2 92  TYR n 
2 93  VAL n 
2 94  GLY n 
2 95  VAL n 
2 96  LYS n 
2 97  GLU n 
2 98  ILE n 
2 99  PRO n 
2 100 ARG n 
2 101 VAL n 
2 102 ARG n 
2 103 ARG n 
2 104 GLY n 
2 105 LEU n 
2 106 GLY n 
2 107 ILE n 
2 108 ALA n 
2 109 ILE n 
2 110 LEU n 
2 111 SER n 
2 112 THR n 
2 113 SER n 
2 114 LYS n 
2 115 GLY n 
2 116 VAL n 
2 117 LEU n 
2 118 THR n 
2 119 ASP n 
2 120 ARG n 
2 121 GLU n 
2 122 ALA n 
2 123 ARG n 
2 124 LYS n 
2 125 LEU n 
2 126 GLY n 
2 127 VAL n 
2 128 GLY n 
2 129 GLY n 
2 130 GLU n 
2 131 LEU n 
2 132 ILE n 
2 133 CYS n 
2 134 GLU n 
2 135 VAL n 
2 136 TRP n 
# 
loop_
_entity_src_nat.entity_id 
_entity_src_nat.pdbx_src_id 
_entity_src_nat.pdbx_alt_source_flag 
_entity_src_nat.pdbx_beg_seq_num 
_entity_src_nat.pdbx_end_seq_num 
_entity_src_nat.common_name 
_entity_src_nat.pdbx_organism_scientific 
_entity_src_nat.pdbx_ncbi_taxonomy_id 
_entity_src_nat.genus 
_entity_src_nat.species 
_entity_src_nat.strain 
_entity_src_nat.tissue 
_entity_src_nat.tissue_fraction 
_entity_src_nat.pdbx_secretion 
_entity_src_nat.pdbx_fragment 
_entity_src_nat.pdbx_variant 
_entity_src_nat.pdbx_cell_line 
_entity_src_nat.pdbx_atcc 
_entity_src_nat.pdbx_cellular_location 
_entity_src_nat.pdbx_organ 
_entity_src_nat.pdbx_organelle 
_entity_src_nat.pdbx_cell 
_entity_src_nat.pdbx_plasmid_name 
_entity_src_nat.pdbx_plasmid_details 
_entity_src_nat.details 
1 1 sample ? ? ? 'Thermus thermophilus' 274 Thermus ? ? ? ? ? ? ? ? ? ? ? ? ? ? ? ? 
2 1 sample ? ? ? 'Thermus thermophilus' 274 Thermus ? ? ? ? ? ? ? ? ? ? ? ? ? ? ? ? 
# 
loop_
_chem_comp.id 
_chem_comp.type 
_chem_comp.mon_nstd_flag 
_chem_comp.name 
_chem_comp.pdbx_synonyms 
_chem_comp.formula 
_chem_comp.formula_weight 
A   'RNA linking'       y "ADENOSINE-5'-MONOPHOSPHATE" ? 'C10 H14 N5 O7 P' 347.221 
ALA 'L-peptide linking' y ALANINE                      ? 'C3 H7 N O2'      89.093  
ARG 'L-peptide linking' y ARGININE                     ? 'C6 H15 N4 O2 1'  175.209 
ASN 'L-peptide linking' y ASPARAGINE                   ? 'C4 H8 N2 O3'     132.118 
ASP 'L-peptide linking' y 'ASPARTIC ACID'              ? 'C4 H7 N O4'      133.103 
C   'RNA linking'       y "CYTIDINE-5'-MONOPHOSPHATE"  ? 'C9 H14 N3 O8 P'  323.197 
CYS 'L-peptide linking' y CYSTEINE                     ? 'C3 H7 N O2 S'    121.158 
G   'RNA linking'       y "GUANOSINE-5'-MONOPHOSPHATE" ? 'C10 H14 N5 O8 P' 363.221 
GLN 'L-peptide linking' y GLUTAMINE                    ? 'C5 H10 N2 O3'    146.144 
GLU 'L-peptide linking' y 'GLUTAMIC ACID'              ? 'C5 H9 N O4'      147.129 
GLY 'peptide linking'   y GLYCINE                      ? 'C2 H5 N O2'      75.067  
HIS 'L-peptide linking' y HISTIDINE                    ? 'C6 H10 N3 O2 1'  156.162 
ILE 'L-peptide linking' y ISOLEUCINE                   ? 'C6 H13 N O2'     131.173 
LEU 'L-peptide linking' y LEUCINE                      ? 'C6 H13 N O2'     131.173 
LYS 'L-peptide linking' y LYSINE                       ? 'C6 H15 N2 O2 1'  147.195 
MET 'L-peptide linking' y METHIONINE                   ? 'C5 H11 N O2 S'   149.211 
PHE 'L-peptide linking' y PHENYLALANINE                ? 'C9 H11 N O2'     165.189 
PRO 'L-peptide linking' y PROLINE                      ? 'C5 H9 N O2'      115.130 
SER 'L-peptide linking' y SERINE                       ? 'C3 H7 N O3'      105.093 
THR 'L-peptide linking' y THREONINE                    ? 'C4 H9 N O3'      119.119 
TRP 'L-peptide linking' y TRYPTOPHAN                   ? 'C11 H12 N2 O2'   204.225 
TYR 'L-peptide linking' y TYROSINE                     ? 'C9 H11 N O3'     181.189 
U   'RNA linking'       y "URIDINE-5'-MONOPHOSPHATE"   ? 'C9 H13 N2 O9 P'  324.181 
VAL 'L-peptide linking' y VALINE                       ? 'C5 H11 N O2'     117.146 
# 
loop_
_pdbx_poly_seq_scheme.asym_id 
_pdbx_poly_seq_scheme.entity_id 
_pdbx_poly_seq_scheme.seq_id 
_pdbx_poly_seq_scheme.mon_id 
_pdbx_poly_seq_scheme.ndb_seq_num 
_pdbx_poly_seq_scheme.pdb_seq_num 
_pdbx_poly_seq_scheme.auth_seq_num 
_pdbx_poly_seq_scheme.pdb_mon_id 
_pdbx_poly_seq_scheme.auth_mon_id 
_pdbx_poly_seq_scheme.pdb_strand_id 
_pdbx_poly_seq_scheme.pdb_ins_code 
_pdbx_poly_seq_scheme.hetero 
A 1 1   G   1   577 577 G   G   B . n 
A 1 2   C   2   578 578 C   C   B . n 
A 1 3   A   3   579 579 A   A   B . n 
A 1 4   C   4   580 580 C   C   B . n 
A 1 5   G   5   581 581 G   G   B . n 
A 1 6   C   6   582 582 C   C   B . n 
A 1 7   A   7   583 583 A   A   B . n 
A 1 8   G   8   584 584 G   G   B . n 
A 1 9   G   9   585 585 G   G   B . n 
A 1 10  C   10  586 586 C   C   B . n 
A 1 11  G   11  587 587 G   G   B . n 
A 1 12  G   12  588 588 G   G   B . n 
A 1 13  U   13  589 589 U   U   B . n 
A 1 14  U   14  590 590 U   U   B . n 
A 1 15  U   15  591 591 U   U   B . n 
A 1 16  G   16  592 592 G   G   B . n 
A 1 17  U   17  593 593 U   U   B . n 
A 1 18  U   18  594 594 U   U   B . n 
A 1 19  A   19  595 595 A   A   B . n 
A 1 20  A   20  596 596 A   A   B . n 
A 1 21  G   21  597 597 G   G   B . n 
A 1 22  U   22  598 598 U   U   B . n 
A 1 23  C   23  599 599 C   C   B . n 
A 1 24  A   24  600 600 A   A   B . n 
A 1 25  G   25  601 601 G   G   B . n 
A 1 26  A   26  602 602 A   A   B . n 
A 1 27  U   27  603 603 U   U   B . n 
A 1 28  G   28  604 604 G   G   B . n 
A 1 29  U   29  605 605 U   U   B . n 
A 1 30  G   30  606 606 G   G   B . n 
A 1 31  A   31  607 607 A   A   B . n 
A 1 32  A   32  608 608 A   A   B . n 
A 1 33  A   33  609 609 A   A   B . n 
A 1 34  U   34  610 610 U   U   B . n 
A 1 35  C   35  611 611 C   C   B . n 
A 1 36  C   36  612 612 C   C   B . n 
A 1 37  C   37  613 613 C   C   B . n 
A 1 38  C   38  614 614 C   C   B . n 
A 1 39  G   39  615 615 G   G   B . n 
A 1 40  G   40  616 616 G   G   B . n 
A 1 41  G   41  617 617 G   G   B . n 
A 1 42  C   42  618 618 C   C   B . n 
A 1 43  U   43  619 619 U   U   B . n 
A 1 44  C   44  620 620 C   C   B . n 
A 1 45  A   45  621 621 A   A   B . n 
A 1 46  A   46  622 622 A   A   B . n 
A 1 47  C   47  623 623 C   C   B . n 
A 1 48  C   48  624 624 C   C   B . n 
A 1 49  U   49  625 625 U   U   B . n 
A 1 50  G   50  626 626 G   G   B . n 
A 1 51  G   51  627 627 G   G   B . n 
A 1 52  G   52  628 628 G   G   B . n 
A 1 53  A   53  629 629 A   A   B . n 
A 1 54  A   54  630 630 A   A   B . n 
A 1 55  C   55  631 631 C   C   B . n 
A 1 56  U   56  632 632 U   U   B . n 
A 1 57  G   57  633 633 G   G   B . n 
A 1 58  C   58  634 634 C   C   B . n 
A 1 59  A   59  635 635 A   A   B . n 
A 1 60  U   60  636 636 U   U   B . n 
A 1 61  C   61  637 637 C   C   B . n 
A 1 62  U   62  638 638 U   U   B . n 
A 1 63  G   63  639 639 G   G   B . n 
A 1 64  A   64  640 640 A   A   B . n 
A 1 65  U   65  641 641 U   U   B . n 
A 1 66  A   66  642 642 A   A   B . n 
A 1 67  C   67  643 643 C   C   B . n 
A 1 68  U   68  644 644 U   U   B . n 
A 1 69  G   69  645 645 G   G   B . n 
A 1 70  G   70  646 646 G   G   B . n 
A 1 71  C   71  647 647 C   C   B . n 
A 1 72  A   72  648 648 A   A   B . n 
A 1 73  A   73  649 649 A   A   B . n 
A 1 74  G   74  650 650 G   G   B . n 
A 1 75  C   75  651 651 C   C   B . n 
A 1 76  U   76  652 652 U   U   B . n 
A 1 77  U   77  653 653 U   U   B . n 
A 1 78  G   78  654 654 G   G   B . n 
A 1 79  A   79  655 655 A   A   B . n 
A 1 80  G   80  656 656 G   G   B . n 
A 1 81  U   81  657 657 U   U   B . n 
A 1 82  C   82  658 658 C   C   B . n 
A 1 83  U   83  659 659 U   U   B . n 
A 1 84  C   84  660 660 C   C   B . n 
A 1 85  G   85  661 661 G   G   B . n 
A 1 86  U   86  662 662 U   U   B . n 
A 1 87  A   87  743 743 A   A   B . n 
A 1 88  C   88  744 744 C   C   B . n 
A 1 89  G   89  745 745 G   G   B . n 
A 1 90  A   90  746 746 A   A   B . n 
A 1 91  A   91  747 747 A   A   B . n 
A 1 92  G   92  748 748 G   G   B . n 
A 1 93  A   93  749 749 A   A   B . n 
A 1 94  C   94  750 750 C   C   B . n 
A 1 95  U   95  751 751 U   U   B . n 
A 1 96  G   96  752 752 G   G   B . n 
A 1 97  A   97  753 753 A   A   B . n 
A 1 98  C   98  754 754 C   C   B . n 
A 1 99  G   99  755 755 G   G   B . n 
A 1 100 C   100 756 756 C   C   B . n 
A 1 101 U   101 757 757 U   U   B . n 
A 1 102 C   102 758 758 C   C   B . n 
A 1 103 A   103 759 759 A   A   B . n 
A 1 104 G   104 760 760 G   G   B . n 
A 1 105 G   105 761 761 G   G   B . n 
A 1 106 U   106 762 762 U   U   B . n 
A 1 107 G   107 763 763 G   G   B . n 
A 1 108 C   108 764 764 C   C   B . n 
A 1 109 G   109 821 821 G   G   B . n 
A 1 110 U   110 822 822 U   U   B . n 
A 1 111 C   111 823 823 C   C   B . n 
A 1 112 G   112 824 824 G   G   B . n 
A 1 113 A   113 825 825 A   A   B . n 
A 1 114 C   114 826 826 C   C   B . n 
A 1 115 U   115 827 827 U   U   B . n 
A 1 116 U   116 828 828 U   U   B . n 
A 1 117 G   117 829 829 G   G   B . n 
A 1 118 G   118 830 830 G   G   B . n 
A 1 119 A   119 831 831 A   A   B . n 
A 1 120 G   120 832 832 G   G   B . n 
A 1 121 G   121 833 833 G   G   B . n 
A 1 122 U   122 834 834 U   U   B . n 
A 1 123 U   123 835 835 U   U   B . n 
A 1 124 G   124 836 836 G   G   B . n 
A 1 125 U   125 837 837 U   U   B . n 
A 1 126 G   126 838 838 G   G   B . n 
A 1 127 C   127 841 841 C   C   B . n 
A 1 128 U   128 842 842 U   U   B . n 
A 1 129 U   129 843 843 U   U   B . n 
A 1 130 C   130 848 848 C   C   B . n 
A 1 131 G   131 849 849 G   G   B . n 
A 1 132 U   132 850 850 U   U   B . n 
A 1 133 G   133 851 851 G   G   B . n 
A 1 134 G   134 852 852 G   G   B . n 
A 1 135 C   135 853 853 C   C   B . n 
A 1 136 U   136 854 854 U   U   B . n 
A 1 137 U   137 855 855 U   U   B . n 
A 1 138 C   138 856 856 C   C   B . n 
A 1 139 C   139 857 857 C   C   B . n 
A 1 140 G   140 858 858 G   G   B . n 
A 1 141 G   141 859 859 G   G   B . n 
A 1 142 A   142 860 860 A   A   B . n 
A 1 143 G   143 861 861 G   G   B . n 
A 1 144 C   144 862 862 C   C   B . n 
A 1 145 U   145 863 863 U   U   B . n 
A 1 146 A   146 864 864 A   A   B . n 
A 1 147 A   147 865 865 A   A   B . n 
A 1 148 C   148 866 866 C   C   B . n 
A 1 149 G   149 867 867 G   G   B . n 
A 1 150 C   150 868 868 C   C   B . n 
A 1 151 G   151 869 869 G   G   B . n 
A 1 152 U   152 870 870 U   U   B . n 
A 1 153 U   153 871 871 U   U   B . n 
A 1 154 A   154 872 872 A   A   B . n 
A 1 155 A   155 873 873 A   A   B . n 
A 1 156 G   156 874 874 G   G   B . n 
A 1 157 U   157 875 875 U   U   B . n 
A 1 158 C   158 876 876 C   C   B . n 
A 1 159 G   159 877 877 G   G   B . n 
A 1 160 A   160 878 878 A   A   B . n 
A 1 161 C   161 879 879 C   C   B . n 
B 2 1   THR 1   3   3   THR THR A . n 
B 2 2   ASP 2   4   4   ASP ASP A . n 
B 2 3   PRO 3   5   5   PRO PRO A . n 
B 2 4   ILE 4   6   6   ILE ILE A . n 
B 2 5   ALA 5   7   7   ALA ALA A . n 
B 2 6   ASP 6   8   8   ASP ASP A . n 
B 2 7   MET 7   9   9   MET MET A . n 
B 2 8   LEU 8   10  10  LEU LEU A . n 
B 2 9   THR 9   11  11  THR THR A . n 
B 2 10  ARG 10  12  12  ARG ARG A . n 
B 2 11  ILE 11  13  13  ILE ILE A . n 
B 2 12  ARG 12  14  14  ARG ARG A . n 
B 2 13  ASN 13  15  15  ASN ASN A . n 
B 2 14  ALA 14  16  16  ALA ALA A . n 
B 2 15  THR 15  17  17  THR THR A . n 
B 2 16  ARG 16  18  18  ARG ARG A . n 
B 2 17  VAL 17  19  19  VAL VAL A . n 
B 2 18  TYR 18  20  20  TYR TYR A . n 
B 2 19  LYS 19  21  21  LYS LYS A . n 
B 2 20  GLU 20  22  22  GLU GLU A . n 
B 2 21  SER 21  23  23  SER SER A . n 
B 2 22  THR 22  24  24  THR THR A . n 
B 2 23  ASP 23  25  25  ASP ASP A . n 
B 2 24  VAL 24  26  26  VAL VAL A . n 
B 2 25  PRO 25  27  27  PRO PRO A . n 
B 2 26  ALA 26  28  28  ALA ALA A . n 
B 2 27  SER 27  29  29  SER SER A . n 
B 2 28  ARG 28  30  30  ARG ARG A . n 
B 2 29  PHE 29  31  31  PHE PHE A . n 
B 2 30  LYS 30  32  32  LYS LYS A . n 
B 2 31  GLU 31  33  33  GLU GLU A . n 
B 2 32  GLU 32  34  34  GLU GLU A . n 
B 2 33  ILE 33  35  35  ILE ILE A . n 
B 2 34  LEU 34  36  36  LEU LEU A . n 
B 2 35  ARG 35  37  37  ARG ARG A . n 
B 2 36  ILE 36  38  38  ILE ILE A . n 
B 2 37  LEU 37  39  39  LEU LEU A . n 
B 2 38  ALA 38  40  40  ALA ALA A . n 
B 2 39  ARG 39  41  41  ARG ARG A . n 
B 2 40  GLU 40  42  42  GLU GLU A . n 
B 2 41  GLY 41  43  43  GLY GLY A . n 
B 2 42  PHE 42  44  44  PHE PHE A . n 
B 2 43  ILE 43  45  45  ILE ILE A . n 
B 2 44  LYS 44  46  46  LYS LYS A . n 
B 2 45  GLY 45  47  47  GLY GLY A . n 
B 2 46  TYR 46  48  48  TYR TYR A . n 
B 2 47  GLU 47  49  49  GLU GLU A . n 
B 2 48  ARG 48  50  50  ARG ARG A . n 
B 2 49  VAL 49  51  51  VAL VAL A . n 
B 2 50  ASP 50  52  52  ASP ASP A . n 
B 2 51  VAL 51  53  53  VAL VAL A . n 
B 2 52  ASP 52  54  54  ASP ASP A . n 
B 2 53  GLY 53  55  55  GLY GLY A . n 
B 2 54  LYS 54  56  56  LYS LYS A . n 
B 2 55  PRO 55  57  57  PRO PRO A . n 
B 2 56  TYR 56  58  58  TYR TYR A . n 
B 2 57  LEU 57  59  59  LEU LEU A . n 
B 2 58  ARG 58  60  60  ARG ARG A . n 
B 2 59  VAL 59  61  61  VAL VAL A . n 
B 2 60  TYR 60  62  62  TYR TYR A . n 
B 2 61  LEU 61  63  63  LEU LEU A . n 
B 2 62  LYS 62  64  64  LYS LYS A . n 
B 2 63  TYR 63  65  65  TYR TYR A . n 
B 2 64  GLY 64  66  66  GLY GLY A . n 
B 2 65  PRO 65  67  67  PRO PRO A . n 
B 2 66  ARG 66  68  68  ARG ARG A . n 
B 2 67  ARG 67  69  69  ARG ARG A . n 
B 2 68  GLN 68  70  70  GLN GLN A . n 
B 2 69  GLY 69  71  71  GLY GLY A . n 
B 2 70  PRO 70  72  72  PRO PRO A . n 
B 2 71  ASP 71  73  73  ASP ASP A . n 
B 2 72  PRO 72  74  74  PRO PRO A . n 
B 2 73  ARG 73  75  75  ARG ARG A . n 
B 2 74  PRO 74  76  76  PRO PRO A . n 
B 2 75  GLU 75  77  77  GLU GLU A . n 
B 2 76  GLN 76  78  78  GLN GLN A . n 
B 2 77  VAL 77  79  79  VAL VAL A . n 
B 2 78  ILE 78  80  80  ILE ILE A . n 
B 2 79  HIS 79  81  81  HIS HIS A . n 
B 2 80  HIS 80  82  82  HIS HIS A . n 
B 2 81  ILE 81  83  83  ILE ILE A . n 
B 2 82  ARG 82  84  84  ARG ARG A . n 
B 2 83  ARG 83  85  85  ARG ARG A . n 
B 2 84  ILE 84  86  86  ILE ILE A . n 
B 2 85  SER 85  87  87  SER SER A . n 
B 2 86  LYS 86  88  88  LYS LYS A . n 
B 2 87  PRO 87  89  89  PRO PRO A . n 
B 2 88  GLY 88  90  90  GLY GLY A . n 
B 2 89  ARG 89  91  91  ARG ARG A . n 
B 2 90  ARG 90  92  92  ARG ARG A . n 
B 2 91  VAL 91  93  93  VAL VAL A . n 
B 2 92  TYR 92  94  94  TYR TYR A . n 
B 2 93  VAL 93  95  95  VAL VAL A . n 
B 2 94  GLY 94  96  96  GLY GLY A . n 
B 2 95  VAL 95  97  97  VAL VAL A . n 
B 2 96  LYS 96  98  98  LYS LYS A . n 
B 2 97  GLU 97  99  99  GLU GLU A . n 
B 2 98  ILE 98  100 100 ILE ILE A . n 
B 2 99  PRO 99  101 101 PRO PRO A . n 
B 2 100 ARG 100 102 102 ARG ARG A . n 
B 2 101 VAL 101 103 103 VAL VAL A . n 
B 2 102 ARG 102 104 104 ARG ARG A . n 
B 2 103 ARG 103 105 105 ARG ARG A . n 
B 2 104 GLY 104 106 106 GLY GLY A . n 
B 2 105 LEU 105 107 107 LEU LEU A . n 
B 2 106 GLY 106 108 108 GLY GLY A . n 
B 2 107 ILE 107 109 109 ILE ILE A . n 
B 2 108 ALA 108 110 110 ALA ALA A . n 
B 2 109 ILE 109 111 111 ILE ILE A . n 
B 2 110 LEU 110 112 112 LEU LEU A . n 
B 2 111 SER 111 113 113 SER SER A . n 
B 2 112 THR 112 114 114 THR THR A . n 
B 2 113 SER 113 115 115 SER SER A . n 
B 2 114 LYS 114 116 116 LYS LYS A . n 
B 2 115 GLY 115 117 117 GLY GLY A . n 
B 2 116 VAL 116 118 118 VAL VAL A . n 
B 2 117 LEU 117 119 119 LEU LEU A . n 
B 2 118 THR 118 120 120 THR THR A . n 
B 2 119 ASP 119 121 121 ASP ASP A . n 
B 2 120 ARG 120 122 122 ARG ARG A . n 
B 2 121 GLU 121 123 123 GLU GLU A . n 
B 2 122 ALA 122 124 124 ALA ALA A . n 
B 2 123 ARG 123 125 125 ARG ARG A . n 
B 2 124 LYS 124 126 126 LYS LYS A . n 
B 2 125 LEU 125 127 127 LEU LEU A . n 
B 2 126 GLY 126 128 128 GLY GLY A . n 
B 2 127 VAL 127 129 129 VAL VAL A . n 
B 2 128 GLY 128 130 130 GLY GLY A . n 
B 2 129 GLY 129 131 131 GLY GLY A . n 
B 2 130 GLU 130 132 132 GLU GLU A . n 
B 2 131 LEU 131 133 133 LEU LEU A . n 
B 2 132 ILE 132 134 134 ILE ILE A . n 
B 2 133 CYS 133 135 135 CYS CYS A . n 
B 2 134 GLU 134 136 136 GLU GLU A . n 
B 2 135 VAL 135 137 137 VAL VAL A . n 
B 2 136 TRP 136 138 138 TRP TRP A . n 
# 
loop_
_software.name 
_software.classification 
_software.version 
_software.citation_id 
_software.pdbx_ordinal 
MLPHARE   phasing          . ? 1 
CNS       refinement       . ? 2 
DENZO     'data reduction' . ? 3 
SCALEPACK 'data scaling'   . ? 4 
# 
_cell.entry_id           1EMI 
_cell.length_a           508 
_cell.length_b           508 
_cell.length_c           803 
_cell.angle_alpha        90.00 
_cell.angle_beta         90.00 
_cell.angle_gamma        90.00 
_cell.Z_PDB              16 
_cell.pdbx_unique_axis   ? 
# 
_symmetry.entry_id                         1EMI 
_symmetry.space_group_name_H-M             'I 4 2 2' 
_symmetry.pdbx_full_space_group_name_H-M   ? 
_symmetry.cell_setting                     tetragonal 
_symmetry.Int_Tables_number                97 
# 
_exptl.entry_id          1EMI 
_exptl.method            'X-RAY DIFFRACTION' 
_exptl.crystals_number   5 
# 
_exptl_crystal.id                    1 
_exptl_crystal.density_meas          ? 
_exptl_crystal.density_percent_sol   ? 
_exptl_crystal.density_Matthews      ? 
_exptl_crystal.description           ? 
# 
_diffrn.id                     1 
_diffrn.ambient_temp           105 
_diffrn.ambient_temp_details   ? 
_diffrn.crystal_id             1 
# 
_diffrn_detector.diffrn_id              1 
_diffrn_detector.detector               CCD 
_diffrn_detector.type                   'ADSC QUANTUM 4' 
_diffrn_detector.pdbx_collection_date   ? 
_diffrn_detector.details                ? 
# 
_diffrn_radiation.diffrn_id                        1 
_diffrn_radiation.wavelength_id                    1 
_diffrn_radiation.monochromator                    ? 
_diffrn_radiation.pdbx_monochromatic_or_laue_m_l   M 
_diffrn_radiation.pdbx_diffrn_protocol             'SINGLE WAVELENGTH' 
_diffrn_radiation.pdbx_scattering_type             x-ray 
# 
_diffrn_radiation_wavelength.id           1 
_diffrn_radiation_wavelength.wavelength   1.1051 
_diffrn_radiation_wavelength.wt           1.0 
# 
_diffrn_source.diffrn_id                   1 
_diffrn_source.source                      SYNCHROTRON 
_diffrn_source.type                        ALS 
_diffrn_source.pdbx_wavelength             1.1051 
_diffrn_source.pdbx_synchrotron_site       ALS 
_diffrn_source.pdbx_synchrotron_beamline   ? 
_diffrn_source.pdbx_wavelength_list        ? 
# 
_reflns.entry_id                     1EMI 
_reflns.observed_criterion_sigma_I   ? 
_reflns.observed_criterion_sigma_F   ? 
_reflns.d_resolution_low             ? 
_reflns.d_resolution_high            7.50 
_reflns.number_obs                   ? 
_reflns.number_all                   ? 
_reflns.percent_possible_obs         ? 
_reflns.pdbx_Rmerge_I_obs            ? 
_reflns.pdbx_Rsym_value              ? 
_reflns.pdbx_netI_over_sigmaI        ? 
_reflns.B_iso_Wilson_estimate        ? 
_reflns.pdbx_redundancy              ? 
_reflns.R_free_details               ? 
_reflns.limit_k_min                  ? 
_reflns.observed_criterion_F_min     ? 
_reflns.pdbx_ordinal                 1 
_reflns.pdbx_diffrn_id               1 
# 
_refine.entry_id                                 1EMI 
_refine.ls_number_reflns_obs                     ? 
_refine.ls_number_reflns_all                     ? 
_refine.pdbx_ls_sigma_I                          ? 
_refine.pdbx_ls_sigma_F                          ? 
_refine.pdbx_data_cutoff_high_absF               ? 
_refine.pdbx_data_cutoff_low_absF                ? 
_refine.ls_d_res_low                             ? 
_refine.ls_d_res_high                            7.50 
_refine.ls_percent_reflns_obs                    ? 
_refine.ls_R_factor_obs                          ? 
_refine.ls_R_factor_all                          ? 
_refine.ls_R_factor_R_work                       ? 
_refine.ls_R_factor_R_free                       ? 
_refine.ls_R_factor_R_free_error                 ? 
_refine.ls_R_factor_R_free_error_details         ? 
_refine.ls_percent_reflns_R_free                 ? 
_refine.ls_number_reflns_R_free                  ? 
_refine.ls_number_parameters                     ? 
_refine.ls_number_restraints                     ? 
_refine.occupancy_min                            ? 
_refine.occupancy_max                            ? 
_refine.B_iso_mean                               ? 
_refine.aniso_B[1][1]                            ? 
_refine.aniso_B[2][2]                            ? 
_refine.aniso_B[3][3]                            ? 
_refine.aniso_B[1][2]                            ? 
_refine.aniso_B[1][3]                            ? 
_refine.aniso_B[2][3]                            ? 
_refine.solvent_model_details                    ? 
_refine.solvent_model_param_ksol                 ? 
_refine.solvent_model_param_bsol                 ? 
_refine.pdbx_ls_cross_valid_method               ? 
_refine.details                                  
;All data collection parameters are as reported for 486D.  The RNA 
model for the S8 region of 16S rRNA was built manually by fitting to 
the 7.8 A X-ray map of the Thermus thermophilus 70S ribosome (Cate et 
al., Science 285, 2095-2104, 1999; see PDB 486D) using a single P 
pseudoatom for each nucleotide.  Note that the nucleotide numbering 
corresponds to the nucleotide positions of E.coli 16S rRNA. 
  
Protein S8 from Thermus thermophilus (PDB 1AN7) was fitted to the 7.8 
A map of the Thermus thermophilus 70S ribosome by splitting the 
protein into N- and C-terminal domains between residues 80 and 81. 
The two domains were fit separately, resulting in a small relative 
movement compared with the original X-ray structure.  Only C-alpha 
positions are given in the PDB file.
;
_refine.pdbx_starting_model                      ? 
_refine.pdbx_method_to_determine_struct          ? 
_refine.pdbx_isotropic_thermal_model             ? 
_refine.pdbx_stereochemistry_target_values       ? 
_refine.pdbx_stereochem_target_val_spec_case     ? 
_refine.pdbx_R_Free_selection_details            ? 
_refine.pdbx_overall_ESU_R_Free                  ? 
_refine.overall_SU_B                             ? 
_refine.ls_redundancy_reflns_obs                 ? 
_refine.overall_SU_ML                            ? 
_refine.pdbx_overall_ESU_R                       ? 
_refine.pdbx_data_cutoff_high_rms_absF           ? 
_refine.correlation_coeff_Fo_to_Fc               ? 
_refine.correlation_coeff_Fo_to_Fc_free          ? 
_refine.overall_SU_R_Cruickshank_DPI             ? 
_refine.overall_SU_R_free                        ? 
_refine.pdbx_refine_id                           'X-RAY DIFFRACTION' 
_refine.pdbx_diffrn_id                           1 
_refine.pdbx_TLS_residual_ADP_flag               ? 
_refine.pdbx_solvent_vdw_probe_radii             ? 
_refine.pdbx_solvent_ion_probe_radii             ? 
_refine.pdbx_solvent_shrinkage_radii             ? 
_refine.pdbx_overall_phase_error                 ? 
_refine.pdbx_overall_SU_R_free_Cruickshank_DPI   ? 
_refine.pdbx_overall_SU_R_Blow_DPI               ? 
_refine.pdbx_overall_SU_R_free_Blow_DPI          ? 
# 
_refine_hist.pdbx_refine_id                   'X-RAY DIFFRACTION' 
_refine_hist.cycle_id                         LAST 
_refine_hist.pdbx_number_atoms_protein        136 
_refine_hist.pdbx_number_atoms_nucleic_acid   161 
_refine_hist.pdbx_number_atoms_ligand         0 
_refine_hist.number_atoms_solvent             0 
_refine_hist.number_atoms_total               297 
_refine_hist.d_res_high                       7.50 
_refine_hist.d_res_low                        . 
# 
_struct.entry_id                  1EMI 
_struct.title                     'STRUCTURE OF 16S RRNA IN THE REGION AROUND RIBOSOMAL PROTEIN S8.' 
_struct.pdbx_model_details        ? 
_struct.pdbx_CASP_flag            ? 
_struct.pdbx_model_type_details   ? 
# 
_struct_keywords.entry_id        1EMI 
_struct_keywords.pdbx_keywords   RIBOSOME 
_struct_keywords.text            'RNA, rRNA, ribosome, ribosomal protein, 16S rRNA, S8' 
# 
loop_
_struct_asym.id 
_struct_asym.pdbx_blank_PDB_chainid_flag 
_struct_asym.pdbx_modified 
_struct_asym.entity_id 
_struct_asym.details 
A N N 1 ? 
B N N 2 ? 
# 
loop_
_struct_ref.id 
_struct_ref.db_name 
_struct_ref.db_code 
_struct_ref.pdbx_db_accession 
_struct_ref.entity_id 
_struct_ref.pdbx_align_begin 
_struct_ref.pdbx_db_isoform 
_struct_ref.pdbx_seq_one_letter_code 
1 UNP RS8_THET8 Q5SHQ2 2 3 ? ? 
2 PDB 1EMI      1EMI   1 ? ? ? 
# 
loop_
_struct_ref_seq.align_id 
_struct_ref_seq.ref_id 
_struct_ref_seq.pdbx_PDB_id_code 
_struct_ref_seq.pdbx_strand_id 
_struct_ref_seq.seq_align_beg 
_struct_ref_seq.pdbx_seq_align_beg_ins_code 
_struct_ref_seq.seq_align_end 
_struct_ref_seq.pdbx_seq_align_end_ins_code 
_struct_ref_seq.pdbx_db_accession 
_struct_ref_seq.db_align_beg 
_struct_ref_seq.pdbx_db_align_beg_ins_code 
_struct_ref_seq.db_align_end 
_struct_ref_seq.pdbx_db_align_end_ins_code 
_struct_ref_seq.pdbx_auth_seq_align_beg 
_struct_ref_seq.pdbx_auth_seq_align_end 
1 1 1EMI A 1 ? 136 ? Q5SHQ2 3   ? 138 ? 3   138 
2 2 1EMI B 1 ? 161 ? 1EMI   577 ? 879 ? 577 879 
# 
loop_
_struct_ref_seq_dif.align_id 
_struct_ref_seq_dif.pdbx_pdb_id_code 
_struct_ref_seq_dif.mon_id 
_struct_ref_seq_dif.pdbx_pdb_strand_id 
_struct_ref_seq_dif.seq_num 
_struct_ref_seq_dif.pdbx_pdb_ins_code 
_struct_ref_seq_dif.pdbx_seq_db_name 
_struct_ref_seq_dif.pdbx_seq_db_accession_code 
_struct_ref_seq_dif.db_mon_id 
_struct_ref_seq_dif.pdbx_seq_db_seq_num 
_struct_ref_seq_dif.details 
_struct_ref_seq_dif.pdbx_auth_seq_num 
_struct_ref_seq_dif.pdbx_ordinal 
1 1EMI ASP A 23  ? UNP Q5SHQ2 GLU 25  conflict 25  1 
1 1EMI ARG A 35  ? UNP Q5SHQ2 LYS 37  conflict 37  2 
1 1EMI ASP A 50  ? UNP Q5SHQ2 GLU 52  conflict 52  3 
1 1EMI VAL A 59  ? UNP Q5SHQ2 ILE 61  conflict 61  4 
1 1EMI TYR A 60  ? UNP Q5SHQ2 HIS 62  conflict 62  5 
1 1EMI HIS A 79  ? UNP Q5SHQ2 LYS 81  conflict 81  6 
1 1EMI LYS A 86  ? UNP Q5SHQ2 ARG 88  conflict 88  7 
1 1EMI SER A 113 ? UNP Q5SHQ2 PRO 115 conflict 115 8 
# 
_pdbx_struct_assembly.id                   1 
_pdbx_struct_assembly.details              author_defined_assembly 
_pdbx_struct_assembly.method_details       ? 
_pdbx_struct_assembly.oligomeric_details   dimeric 
_pdbx_struct_assembly.oligomeric_count     2 
# 
_pdbx_struct_assembly_gen.assembly_id       1 
_pdbx_struct_assembly_gen.oper_expression   1 
_pdbx_struct_assembly_gen.asym_id_list      A,B 
# 
_pdbx_struct_oper_list.id                   1 
_pdbx_struct_oper_list.type                 'identity operation' 
_pdbx_struct_oper_list.name                 1_555 
_pdbx_struct_oper_list.symmetry_operation   x,y,z 
_pdbx_struct_oper_list.matrix[1][1]         1.0000000000 
_pdbx_struct_oper_list.matrix[1][2]         0.0000000000 
_pdbx_struct_oper_list.matrix[1][3]         0.0000000000 
_pdbx_struct_oper_list.vector[1]            0.0000000000 
_pdbx_struct_oper_list.matrix[2][1]         0.0000000000 
_pdbx_struct_oper_list.matrix[2][2]         1.0000000000 
_pdbx_struct_oper_list.matrix[2][3]         0.0000000000 
_pdbx_struct_oper_list.vector[2]            0.0000000000 
_pdbx_struct_oper_list.matrix[3][1]         0.0000000000 
_pdbx_struct_oper_list.matrix[3][2]         0.0000000000 
_pdbx_struct_oper_list.matrix[3][3]         1.0000000000 
_pdbx_struct_oper_list.vector[3]            0.0000000000 
# 
_struct_biol.id                    1 
_struct_biol.pdbx_parent_biol_id   ? 
_struct_biol.details               ? 
# 
loop_
_chem_comp_atom.comp_id 
_chem_comp_atom.atom_id 
_chem_comp_atom.type_symbol 
_chem_comp_atom.pdbx_aromatic_flag 
_chem_comp_atom.pdbx_stereo_config 
_chem_comp_atom.pdbx_ordinal 
A   OP3    O N N 1   
A   P      P N N 2   
A   OP1    O N N 3   
A   OP2    O N N 4   
A   "O5'"  O N N 5   
A   "C5'"  C N N 6   
A   "C4'"  C N R 7   
A   "O4'"  O N N 8   
A   "C3'"  C N S 9   
A   "O3'"  O N N 10  
A   "C2'"  C N R 11  
A   "O2'"  O N N 12  
A   "C1'"  C N R 13  
A   N9     N Y N 14  
A   C8     C Y N 15  
A   N7     N Y N 16  
A   C5     C Y N 17  
A   C6     C Y N 18  
A   N6     N N N 19  
A   N1     N Y N 20  
A   C2     C Y N 21  
A   N3     N Y N 22  
A   C4     C Y N 23  
A   HOP3   H N N 24  
A   HOP2   H N N 25  
A   "H5'"  H N N 26  
A   "H5''" H N N 27  
A   "H4'"  H N N 28  
A   "H3'"  H N N 29  
A   "HO3'" H N N 30  
A   "H2'"  H N N 31  
A   "HO2'" H N N 32  
A   "H1'"  H N N 33  
A   H8     H N N 34  
A   H61    H N N 35  
A   H62    H N N 36  
A   H2     H N N 37  
ALA N      N N N 38  
ALA CA     C N S 39  
ALA C      C N N 40  
ALA O      O N N 41  
ALA CB     C N N 42  
ALA OXT    O N N 43  
ALA H      H N N 44  
ALA H2     H N N 45  
ALA HA     H N N 46  
ALA HB1    H N N 47  
ALA HB2    H N N 48  
ALA HB3    H N N 49  
ALA HXT    H N N 50  
ARG N      N N N 51  
ARG CA     C N S 52  
ARG C      C N N 53  
ARG O      O N N 54  
ARG CB     C N N 55  
ARG CG     C N N 56  
ARG CD     C N N 57  
ARG NE     N N N 58  
ARG CZ     C N N 59  
ARG NH1    N N N 60  
ARG NH2    N N N 61  
ARG OXT    O N N 62  
ARG H      H N N 63  
ARG H2     H N N 64  
ARG HA     H N N 65  
ARG HB2    H N N 66  
ARG HB3    H N N 67  
ARG HG2    H N N 68  
ARG HG3    H N N 69  
ARG HD2    H N N 70  
ARG HD3    H N N 71  
ARG HE     H N N 72  
ARG HH11   H N N 73  
ARG HH12   H N N 74  
ARG HH21   H N N 75  
ARG HH22   H N N 76  
ARG HXT    H N N 77  
ASN N      N N N 78  
ASN CA     C N S 79  
ASN C      C N N 80  
ASN O      O N N 81  
ASN CB     C N N 82  
ASN CG     C N N 83  
ASN OD1    O N N 84  
ASN ND2    N N N 85  
ASN OXT    O N N 86  
ASN H      H N N 87  
ASN H2     H N N 88  
ASN HA     H N N 89  
ASN HB2    H N N 90  
ASN HB3    H N N 91  
ASN HD21   H N N 92  
ASN HD22   H N N 93  
ASN HXT    H N N 94  
ASP N      N N N 95  
ASP CA     C N S 96  
ASP C      C N N 97  
ASP O      O N N 98  
ASP CB     C N N 99  
ASP CG     C N N 100 
ASP OD1    O N N 101 
ASP OD2    O N N 102 
ASP OXT    O N N 103 
ASP H      H N N 104 
ASP H2     H N N 105 
ASP HA     H N N 106 
ASP HB2    H N N 107 
ASP HB3    H N N 108 
ASP HD2    H N N 109 
ASP HXT    H N N 110 
C   OP3    O N N 111 
C   P      P N N 112 
C   OP1    O N N 113 
C   OP2    O N N 114 
C   "O5'"  O N N 115 
C   "C5'"  C N N 116 
C   "C4'"  C N R 117 
C   "O4'"  O N N 118 
C   "C3'"  C N S 119 
C   "O3'"  O N N 120 
C   "C2'"  C N R 121 
C   "O2'"  O N N 122 
C   "C1'"  C N R 123 
C   N1     N N N 124 
C   C2     C N N 125 
C   O2     O N N 126 
C   N3     N N N 127 
C   C4     C N N 128 
C   N4     N N N 129 
C   C5     C N N 130 
C   C6     C N N 131 
C   HOP3   H N N 132 
C   HOP2   H N N 133 
C   "H5'"  H N N 134 
C   "H5''" H N N 135 
C   "H4'"  H N N 136 
C   "H3'"  H N N 137 
C   "HO3'" H N N 138 
C   "H2'"  H N N 139 
C   "HO2'" H N N 140 
C   "H1'"  H N N 141 
C   H41    H N N 142 
C   H42    H N N 143 
C   H5     H N N 144 
C   H6     H N N 145 
CYS N      N N N 146 
CYS CA     C N R 147 
CYS C      C N N 148 
CYS O      O N N 149 
CYS CB     C N N 150 
CYS SG     S N N 151 
CYS OXT    O N N 152 
CYS H      H N N 153 
CYS H2     H N N 154 
CYS HA     H N N 155 
CYS HB2    H N N 156 
CYS HB3    H N N 157 
CYS HG     H N N 158 
CYS HXT    H N N 159 
G   OP3    O N N 160 
G   P      P N N 161 
G   OP1    O N N 162 
G   OP2    O N N 163 
G   "O5'"  O N N 164 
G   "C5'"  C N N 165 
G   "C4'"  C N R 166 
G   "O4'"  O N N 167 
G   "C3'"  C N S 168 
G   "O3'"  O N N 169 
G   "C2'"  C N R 170 
G   "O2'"  O N N 171 
G   "C1'"  C N R 172 
G   N9     N Y N 173 
G   C8     C Y N 174 
G   N7     N Y N 175 
G   C5     C Y N 176 
G   C6     C N N 177 
G   O6     O N N 178 
G   N1     N N N 179 
G   C2     C N N 180 
G   N2     N N N 181 
G   N3     N N N 182 
G   C4     C Y N 183 
G   HOP3   H N N 184 
G   HOP2   H N N 185 
G   "H5'"  H N N 186 
G   "H5''" H N N 187 
G   "H4'"  H N N 188 
G   "H3'"  H N N 189 
G   "HO3'" H N N 190 
G   "H2'"  H N N 191 
G   "HO2'" H N N 192 
G   "H1'"  H N N 193 
G   H8     H N N 194 
G   H1     H N N 195 
G   H21    H N N 196 
G   H22    H N N 197 
GLN N      N N N 198 
GLN CA     C N S 199 
GLN C      C N N 200 
GLN O      O N N 201 
GLN CB     C N N 202 
GLN CG     C N N 203 
GLN CD     C N N 204 
GLN OE1    O N N 205 
GLN NE2    N N N 206 
GLN OXT    O N N 207 
GLN H      H N N 208 
GLN H2     H N N 209 
GLN HA     H N N 210 
GLN HB2    H N N 211 
GLN HB3    H N N 212 
GLN HG2    H N N 213 
GLN HG3    H N N 214 
GLN HE21   H N N 215 
GLN HE22   H N N 216 
GLN HXT    H N N 217 
GLU N      N N N 218 
GLU CA     C N S 219 
GLU C      C N N 220 
GLU O      O N N 221 
GLU CB     C N N 222 
GLU CG     C N N 223 
GLU CD     C N N 224 
GLU OE1    O N N 225 
GLU OE2    O N N 226 
GLU OXT    O N N 227 
GLU H      H N N 228 
GLU H2     H N N 229 
GLU HA     H N N 230 
GLU HB2    H N N 231 
GLU HB3    H N N 232 
GLU HG2    H N N 233 
GLU HG3    H N N 234 
GLU HE2    H N N 235 
GLU HXT    H N N 236 
GLY N      N N N 237 
GLY CA     C N N 238 
GLY C      C N N 239 
GLY O      O N N 240 
GLY OXT    O N N 241 
GLY H      H N N 242 
GLY H2     H N N 243 
GLY HA2    H N N 244 
GLY HA3    H N N 245 
GLY HXT    H N N 246 
HIS N      N N N 247 
HIS CA     C N S 248 
HIS C      C N N 249 
HIS O      O N N 250 
HIS CB     C N N 251 
HIS CG     C Y N 252 
HIS ND1    N Y N 253 
HIS CD2    C Y N 254 
HIS CE1    C Y N 255 
HIS NE2    N Y N 256 
HIS OXT    O N N 257 
HIS H      H N N 258 
HIS H2     H N N 259 
HIS HA     H N N 260 
HIS HB2    H N N 261 
HIS HB3    H N N 262 
HIS HD1    H N N 263 
HIS HD2    H N N 264 
HIS HE1    H N N 265 
HIS HE2    H N N 266 
HIS HXT    H N N 267 
ILE N      N N N 268 
ILE CA     C N S 269 
ILE C      C N N 270 
ILE O      O N N 271 
ILE CB     C N S 272 
ILE CG1    C N N 273 
ILE CG2    C N N 274 
ILE CD1    C N N 275 
ILE OXT    O N N 276 
ILE H      H N N 277 
ILE H2     H N N 278 
ILE HA     H N N 279 
ILE HB     H N N 280 
ILE HG12   H N N 281 
ILE HG13   H N N 282 
ILE HG21   H N N 283 
ILE HG22   H N N 284 
ILE HG23   H N N 285 
ILE HD11   H N N 286 
ILE HD12   H N N 287 
ILE HD13   H N N 288 
ILE HXT    H N N 289 
LEU N      N N N 290 
LEU CA     C N S 291 
LEU C      C N N 292 
LEU O      O N N 293 
LEU CB     C N N 294 
LEU CG     C N N 295 
LEU CD1    C N N 296 
LEU CD2    C N N 297 
LEU OXT    O N N 298 
LEU H      H N N 299 
LEU H2     H N N 300 
LEU HA     H N N 301 
LEU HB2    H N N 302 
LEU HB3    H N N 303 
LEU HG     H N N 304 
LEU HD11   H N N 305 
LEU HD12   H N N 306 
LEU HD13   H N N 307 
LEU HD21   H N N 308 
LEU HD22   H N N 309 
LEU HD23   H N N 310 
LEU HXT    H N N 311 
LYS N      N N N 312 
LYS CA     C N S 313 
LYS C      C N N 314 
LYS O      O N N 315 
LYS CB     C N N 316 
LYS CG     C N N 317 
LYS CD     C N N 318 
LYS CE     C N N 319 
LYS NZ     N N N 320 
LYS OXT    O N N 321 
LYS H      H N N 322 
LYS H2     H N N 323 
LYS HA     H N N 324 
LYS HB2    H N N 325 
LYS HB3    H N N 326 
LYS HG2    H N N 327 
LYS HG3    H N N 328 
LYS HD2    H N N 329 
LYS HD3    H N N 330 
LYS HE2    H N N 331 
LYS HE3    H N N 332 
LYS HZ1    H N N 333 
LYS HZ2    H N N 334 
LYS HZ3    H N N 335 
LYS HXT    H N N 336 
MET N      N N N 337 
MET CA     C N S 338 
MET C      C N N 339 
MET O      O N N 340 
MET CB     C N N 341 
MET CG     C N N 342 
MET SD     S N N 343 
MET CE     C N N 344 
MET OXT    O N N 345 
MET H      H N N 346 
MET H2     H N N 347 
MET HA     H N N 348 
MET HB2    H N N 349 
MET HB3    H N N 350 
MET HG2    H N N 351 
MET HG3    H N N 352 
MET HE1    H N N 353 
MET HE2    H N N 354 
MET HE3    H N N 355 
MET HXT    H N N 356 
PHE N      N N N 357 
PHE CA     C N S 358 
PHE C      C N N 359 
PHE O      O N N 360 
PHE CB     C N N 361 
PHE CG     C Y N 362 
PHE CD1    C Y N 363 
PHE CD2    C Y N 364 
PHE CE1    C Y N 365 
PHE CE2    C Y N 366 
PHE CZ     C Y N 367 
PHE OXT    O N N 368 
PHE H      H N N 369 
PHE H2     H N N 370 
PHE HA     H N N 371 
PHE HB2    H N N 372 
PHE HB3    H N N 373 
PHE HD1    H N N 374 
PHE HD2    H N N 375 
PHE HE1    H N N 376 
PHE HE2    H N N 377 
PHE HZ     H N N 378 
PHE HXT    H N N 379 
PRO N      N N N 380 
PRO CA     C N S 381 
PRO C      C N N 382 
PRO O      O N N 383 
PRO CB     C N N 384 
PRO CG     C N N 385 
PRO CD     C N N 386 
PRO OXT    O N N 387 
PRO H      H N N 388 
PRO HA     H N N 389 
PRO HB2    H N N 390 
PRO HB3    H N N 391 
PRO HG2    H N N 392 
PRO HG3    H N N 393 
PRO HD2    H N N 394 
PRO HD3    H N N 395 
PRO HXT    H N N 396 
SER N      N N N 397 
SER CA     C N S 398 
SER C      C N N 399 
SER O      O N N 400 
SER CB     C N N 401 
SER OG     O N N 402 
SER OXT    O N N 403 
SER H      H N N 404 
SER H2     H N N 405 
SER HA     H N N 406 
SER HB2    H N N 407 
SER HB3    H N N 408 
SER HG     H N N 409 
SER HXT    H N N 410 
THR N      N N N 411 
THR CA     C N S 412 
THR C      C N N 413 
THR O      O N N 414 
THR CB     C N R 415 
THR OG1    O N N 416 
THR CG2    C N N 417 
THR OXT    O N N 418 
THR H      H N N 419 
THR H2     H N N 420 
THR HA     H N N 421 
THR HB     H N N 422 
THR HG1    H N N 423 
THR HG21   H N N 424 
THR HG22   H N N 425 
THR HG23   H N N 426 
THR HXT    H N N 427 
TRP N      N N N 428 
TRP CA     C N S 429 
TRP C      C N N 430 
TRP O      O N N 431 
TRP CB     C N N 432 
TRP CG     C Y N 433 
TRP CD1    C Y N 434 
TRP CD2    C Y N 435 
TRP NE1    N Y N 436 
TRP CE2    C Y N 437 
TRP CE3    C Y N 438 
TRP CZ2    C Y N 439 
TRP CZ3    C Y N 440 
TRP CH2    C Y N 441 
TRP OXT    O N N 442 
TRP H      H N N 443 
TRP H2     H N N 444 
TRP HA     H N N 445 
TRP HB2    H N N 446 
TRP HB3    H N N 447 
TRP HD1    H N N 448 
TRP HE1    H N N 449 
TRP HE3    H N N 450 
TRP HZ2    H N N 451 
TRP HZ3    H N N 452 
TRP HH2    H N N 453 
TRP HXT    H N N 454 
TYR N      N N N 455 
TYR CA     C N S 456 
TYR C      C N N 457 
TYR O      O N N 458 
TYR CB     C N N 459 
TYR CG     C Y N 460 
TYR CD1    C Y N 461 
TYR CD2    C Y N 462 
TYR CE1    C Y N 463 
TYR CE2    C Y N 464 
TYR CZ     C Y N 465 
TYR OH     O N N 466 
TYR OXT    O N N 467 
TYR H      H N N 468 
TYR H2     H N N 469 
TYR HA     H N N 470 
TYR HB2    H N N 471 
TYR HB3    H N N 472 
TYR HD1    H N N 473 
TYR HD2    H N N 474 
TYR HE1    H N N 475 
TYR HE2    H N N 476 
TYR HH     H N N 477 
TYR HXT    H N N 478 
U   OP3    O N N 479 
U   P      P N N 480 
U   OP1    O N N 481 
U   OP2    O N N 482 
U   "O5'"  O N N 483 
U   "C5'"  C N N 484 
U   "C4'"  C N R 485 
U   "O4'"  O N N 486 
U   "C3'"  C N S 487 
U   "O3'"  O N N 488 
U   "C2'"  C N R 489 
U   "O2'"  O N N 490 
U   "C1'"  C N R 491 
U   N1     N N N 492 
U   C2     C N N 493 
U   O2     O N N 494 
U   N3     N N N 495 
U   C4     C N N 496 
U   O4     O N N 497 
U   C5     C N N 498 
U   C6     C N N 499 
U   HOP3   H N N 500 
U   HOP2   H N N 501 
U   "H5'"  H N N 502 
U   "H5''" H N N 503 
U   "H4'"  H N N 504 
U   "H3'"  H N N 505 
U   "HO3'" H N N 506 
U   "H2'"  H N N 507 
U   "HO2'" H N N 508 
U   "H1'"  H N N 509 
U   H3     H N N 510 
U   H5     H N N 511 
U   H6     H N N 512 
VAL N      N N N 513 
VAL CA     C N S 514 
VAL C      C N N 515 
VAL O      O N N 516 
VAL CB     C N N 517 
VAL CG1    C N N 518 
VAL CG2    C N N 519 
VAL OXT    O N N 520 
VAL H      H N N 521 
VAL H2     H N N 522 
VAL HA     H N N 523 
VAL HB     H N N 524 
VAL HG11   H N N 525 
VAL HG12   H N N 526 
VAL HG13   H N N 527 
VAL HG21   H N N 528 
VAL HG22   H N N 529 
VAL HG23   H N N 530 
VAL HXT    H N N 531 
# 
loop_
_chem_comp_bond.comp_id 
_chem_comp_bond.atom_id_1 
_chem_comp_bond.atom_id_2 
_chem_comp_bond.value_order 
_chem_comp_bond.pdbx_aromatic_flag 
_chem_comp_bond.pdbx_stereo_config 
_chem_comp_bond.pdbx_ordinal 
A   OP3   P      sing N N 1   
A   OP3   HOP3   sing N N 2   
A   P     OP1    doub N N 3   
A   P     OP2    sing N N 4   
A   P     "O5'"  sing N N 5   
A   OP2   HOP2   sing N N 6   
A   "O5'" "C5'"  sing N N 7   
A   "C5'" "C4'"  sing N N 8   
A   "C5'" "H5'"  sing N N 9   
A   "C5'" "H5''" sing N N 10  
A   "C4'" "O4'"  sing N N 11  
A   "C4'" "C3'"  sing N N 12  
A   "C4'" "H4'"  sing N N 13  
A   "O4'" "C1'"  sing N N 14  
A   "C3'" "O3'"  sing N N 15  
A   "C3'" "C2'"  sing N N 16  
A   "C3'" "H3'"  sing N N 17  
A   "O3'" "HO3'" sing N N 18  
A   "C2'" "O2'"  sing N N 19  
A   "C2'" "C1'"  sing N N 20  
A   "C2'" "H2'"  sing N N 21  
A   "O2'" "HO2'" sing N N 22  
A   "C1'" N9     sing N N 23  
A   "C1'" "H1'"  sing N N 24  
A   N9    C8     sing Y N 25  
A   N9    C4     sing Y N 26  
A   C8    N7     doub Y N 27  
A   C8    H8     sing N N 28  
A   N7    C5     sing Y N 29  
A   C5    C6     sing Y N 30  
A   C5    C4     doub Y N 31  
A   C6    N6     sing N N 32  
A   C6    N1     doub Y N 33  
A   N6    H61    sing N N 34  
A   N6    H62    sing N N 35  
A   N1    C2     sing Y N 36  
A   C2    N3     doub Y N 37  
A   C2    H2     sing N N 38  
A   N3    C4     sing Y N 39  
ALA N     CA     sing N N 40  
ALA N     H      sing N N 41  
ALA N     H2     sing N N 42  
ALA CA    C      sing N N 43  
ALA CA    CB     sing N N 44  
ALA CA    HA     sing N N 45  
ALA C     O      doub N N 46  
ALA C     OXT    sing N N 47  
ALA CB    HB1    sing N N 48  
ALA CB    HB2    sing N N 49  
ALA CB    HB3    sing N N 50  
ALA OXT   HXT    sing N N 51  
ARG N     CA     sing N N 52  
ARG N     H      sing N N 53  
ARG N     H2     sing N N 54  
ARG CA    C      sing N N 55  
ARG CA    CB     sing N N 56  
ARG CA    HA     sing N N 57  
ARG C     O      doub N N 58  
ARG C     OXT    sing N N 59  
ARG CB    CG     sing N N 60  
ARG CB    HB2    sing N N 61  
ARG CB    HB3    sing N N 62  
ARG CG    CD     sing N N 63  
ARG CG    HG2    sing N N 64  
ARG CG    HG3    sing N N 65  
ARG CD    NE     sing N N 66  
ARG CD    HD2    sing N N 67  
ARG CD    HD3    sing N N 68  
ARG NE    CZ     sing N N 69  
ARG NE    HE     sing N N 70  
ARG CZ    NH1    sing N N 71  
ARG CZ    NH2    doub N N 72  
ARG NH1   HH11   sing N N 73  
ARG NH1   HH12   sing N N 74  
ARG NH2   HH21   sing N N 75  
ARG NH2   HH22   sing N N 76  
ARG OXT   HXT    sing N N 77  
ASN N     CA     sing N N 78  
ASN N     H      sing N N 79  
ASN N     H2     sing N N 80  
ASN CA    C      sing N N 81  
ASN CA    CB     sing N N 82  
ASN CA    HA     sing N N 83  
ASN C     O      doub N N 84  
ASN C     OXT    sing N N 85  
ASN CB    CG     sing N N 86  
ASN CB    HB2    sing N N 87  
ASN CB    HB3    sing N N 88  
ASN CG    OD1    doub N N 89  
ASN CG    ND2    sing N N 90  
ASN ND2   HD21   sing N N 91  
ASN ND2   HD22   sing N N 92  
ASN OXT   HXT    sing N N 93  
ASP N     CA     sing N N 94  
ASP N     H      sing N N 95  
ASP N     H2     sing N N 96  
ASP CA    C      sing N N 97  
ASP CA    CB     sing N N 98  
ASP CA    HA     sing N N 99  
ASP C     O      doub N N 100 
ASP C     OXT    sing N N 101 
ASP CB    CG     sing N N 102 
ASP CB    HB2    sing N N 103 
ASP CB    HB3    sing N N 104 
ASP CG    OD1    doub N N 105 
ASP CG    OD2    sing N N 106 
ASP OD2   HD2    sing N N 107 
ASP OXT   HXT    sing N N 108 
C   OP3   P      sing N N 109 
C   OP3   HOP3   sing N N 110 
C   P     OP1    doub N N 111 
C   P     OP2    sing N N 112 
C   P     "O5'"  sing N N 113 
C   OP2   HOP2   sing N N 114 
C   "O5'" "C5'"  sing N N 115 
C   "C5'" "C4'"  sing N N 116 
C   "C5'" "H5'"  sing N N 117 
C   "C5'" "H5''" sing N N 118 
C   "C4'" "O4'"  sing N N 119 
C   "C4'" "C3'"  sing N N 120 
C   "C4'" "H4'"  sing N N 121 
C   "O4'" "C1'"  sing N N 122 
C   "C3'" "O3'"  sing N N 123 
C   "C3'" "C2'"  sing N N 124 
C   "C3'" "H3'"  sing N N 125 
C   "O3'" "HO3'" sing N N 126 
C   "C2'" "O2'"  sing N N 127 
C   "C2'" "C1'"  sing N N 128 
C   "C2'" "H2'"  sing N N 129 
C   "O2'" "HO2'" sing N N 130 
C   "C1'" N1     sing N N 131 
C   "C1'" "H1'"  sing N N 132 
C   N1    C2     sing N N 133 
C   N1    C6     sing N N 134 
C   C2    O2     doub N N 135 
C   C2    N3     sing N N 136 
C   N3    C4     doub N N 137 
C   C4    N4     sing N N 138 
C   C4    C5     sing N N 139 
C   N4    H41    sing N N 140 
C   N4    H42    sing N N 141 
C   C5    C6     doub N N 142 
C   C5    H5     sing N N 143 
C   C6    H6     sing N N 144 
CYS N     CA     sing N N 145 
CYS N     H      sing N N 146 
CYS N     H2     sing N N 147 
CYS CA    C      sing N N 148 
CYS CA    CB     sing N N 149 
CYS CA    HA     sing N N 150 
CYS C     O      doub N N 151 
CYS C     OXT    sing N N 152 
CYS CB    SG     sing N N 153 
CYS CB    HB2    sing N N 154 
CYS CB    HB3    sing N N 155 
CYS SG    HG     sing N N 156 
CYS OXT   HXT    sing N N 157 
G   OP3   P      sing N N 158 
G   OP3   HOP3   sing N N 159 
G   P     OP1    doub N N 160 
G   P     OP2    sing N N 161 
G   P     "O5'"  sing N N 162 
G   OP2   HOP2   sing N N 163 
G   "O5'" "C5'"  sing N N 164 
G   "C5'" "C4'"  sing N N 165 
G   "C5'" "H5'"  sing N N 166 
G   "C5'" "H5''" sing N N 167 
G   "C4'" "O4'"  sing N N 168 
G   "C4'" "C3'"  sing N N 169 
G   "C4'" "H4'"  sing N N 170 
G   "O4'" "C1'"  sing N N 171 
G   "C3'" "O3'"  sing N N 172 
G   "C3'" "C2'"  sing N N 173 
G   "C3'" "H3'"  sing N N 174 
G   "O3'" "HO3'" sing N N 175 
G   "C2'" "O2'"  sing N N 176 
G   "C2'" "C1'"  sing N N 177 
G   "C2'" "H2'"  sing N N 178 
G   "O2'" "HO2'" sing N N 179 
G   "C1'" N9     sing N N 180 
G   "C1'" "H1'"  sing N N 181 
G   N9    C8     sing Y N 182 
G   N9    C4     sing Y N 183 
G   C8    N7     doub Y N 184 
G   C8    H8     sing N N 185 
G   N7    C5     sing Y N 186 
G   C5    C6     sing N N 187 
G   C5    C4     doub Y N 188 
G   C6    O6     doub N N 189 
G   C6    N1     sing N N 190 
G   N1    C2     sing N N 191 
G   N1    H1     sing N N 192 
G   C2    N2     sing N N 193 
G   C2    N3     doub N N 194 
G   N2    H21    sing N N 195 
G   N2    H22    sing N N 196 
G   N3    C4     sing N N 197 
GLN N     CA     sing N N 198 
GLN N     H      sing N N 199 
GLN N     H2     sing N N 200 
GLN CA    C      sing N N 201 
GLN CA    CB     sing N N 202 
GLN CA    HA     sing N N 203 
GLN C     O      doub N N 204 
GLN C     OXT    sing N N 205 
GLN CB    CG     sing N N 206 
GLN CB    HB2    sing N N 207 
GLN CB    HB3    sing N N 208 
GLN CG    CD     sing N N 209 
GLN CG    HG2    sing N N 210 
GLN CG    HG3    sing N N 211 
GLN CD    OE1    doub N N 212 
GLN CD    NE2    sing N N 213 
GLN NE2   HE21   sing N N 214 
GLN NE2   HE22   sing N N 215 
GLN OXT   HXT    sing N N 216 
GLU N     CA     sing N N 217 
GLU N     H      sing N N 218 
GLU N     H2     sing N N 219 
GLU CA    C      sing N N 220 
GLU CA    CB     sing N N 221 
GLU CA    HA     sing N N 222 
GLU C     O      doub N N 223 
GLU C     OXT    sing N N 224 
GLU CB    CG     sing N N 225 
GLU CB    HB2    sing N N 226 
GLU CB    HB3    sing N N 227 
GLU CG    CD     sing N N 228 
GLU CG    HG2    sing N N 229 
GLU CG    HG3    sing N N 230 
GLU CD    OE1    doub N N 231 
GLU CD    OE2    sing N N 232 
GLU OE2   HE2    sing N N 233 
GLU OXT   HXT    sing N N 234 
GLY N     CA     sing N N 235 
GLY N     H      sing N N 236 
GLY N     H2     sing N N 237 
GLY CA    C      sing N N 238 
GLY CA    HA2    sing N N 239 
GLY CA    HA3    sing N N 240 
GLY C     O      doub N N 241 
GLY C     OXT    sing N N 242 
GLY OXT   HXT    sing N N 243 
HIS N     CA     sing N N 244 
HIS N     H      sing N N 245 
HIS N     H2     sing N N 246 
HIS CA    C      sing N N 247 
HIS CA    CB     sing N N 248 
HIS CA    HA     sing N N 249 
HIS C     O      doub N N 250 
HIS C     OXT    sing N N 251 
HIS CB    CG     sing N N 252 
HIS CB    HB2    sing N N 253 
HIS CB    HB3    sing N N 254 
HIS CG    ND1    sing Y N 255 
HIS CG    CD2    doub Y N 256 
HIS ND1   CE1    doub Y N 257 
HIS ND1   HD1    sing N N 258 
HIS CD2   NE2    sing Y N 259 
HIS CD2   HD2    sing N N 260 
HIS CE1   NE2    sing Y N 261 
HIS CE1   HE1    sing N N 262 
HIS NE2   HE2    sing N N 263 
HIS OXT   HXT    sing N N 264 
ILE N     CA     sing N N 265 
ILE N     H      sing N N 266 
ILE N     H2     sing N N 267 
ILE CA    C      sing N N 268 
ILE CA    CB     sing N N 269 
ILE CA    HA     sing N N 270 
ILE C     O      doub N N 271 
ILE C     OXT    sing N N 272 
ILE CB    CG1    sing N N 273 
ILE CB    CG2    sing N N 274 
ILE CB    HB     sing N N 275 
ILE CG1   CD1    sing N N 276 
ILE CG1   HG12   sing N N 277 
ILE CG1   HG13   sing N N 278 
ILE CG2   HG21   sing N N 279 
ILE CG2   HG22   sing N N 280 
ILE CG2   HG23   sing N N 281 
ILE CD1   HD11   sing N N 282 
ILE CD1   HD12   sing N N 283 
ILE CD1   HD13   sing N N 284 
ILE OXT   HXT    sing N N 285 
LEU N     CA     sing N N 286 
LEU N     H      sing N N 287 
LEU N     H2     sing N N 288 
LEU CA    C      sing N N 289 
LEU CA    CB     sing N N 290 
LEU CA    HA     sing N N 291 
LEU C     O      doub N N 292 
LEU C     OXT    sing N N 293 
LEU CB    CG     sing N N 294 
LEU CB    HB2    sing N N 295 
LEU CB    HB3    sing N N 296 
LEU CG    CD1    sing N N 297 
LEU CG    CD2    sing N N 298 
LEU CG    HG     sing N N 299 
LEU CD1   HD11   sing N N 300 
LEU CD1   HD12   sing N N 301 
LEU CD1   HD13   sing N N 302 
LEU CD2   HD21   sing N N 303 
LEU CD2   HD22   sing N N 304 
LEU CD2   HD23   sing N N 305 
LEU OXT   HXT    sing N N 306 
LYS N     CA     sing N N 307 
LYS N     H      sing N N 308 
LYS N     H2     sing N N 309 
LYS CA    C      sing N N 310 
LYS CA    CB     sing N N 311 
LYS CA    HA     sing N N 312 
LYS C     O      doub N N 313 
LYS C     OXT    sing N N 314 
LYS CB    CG     sing N N 315 
LYS CB    HB2    sing N N 316 
LYS CB    HB3    sing N N 317 
LYS CG    CD     sing N N 318 
LYS CG    HG2    sing N N 319 
LYS CG    HG3    sing N N 320 
LYS CD    CE     sing N N 321 
LYS CD    HD2    sing N N 322 
LYS CD    HD3    sing N N 323 
LYS CE    NZ     sing N N 324 
LYS CE    HE2    sing N N 325 
LYS CE    HE3    sing N N 326 
LYS NZ    HZ1    sing N N 327 
LYS NZ    HZ2    sing N N 328 
LYS NZ    HZ3    sing N N 329 
LYS OXT   HXT    sing N N 330 
MET N     CA     sing N N 331 
MET N     H      sing N N 332 
MET N     H2     sing N N 333 
MET CA    C      sing N N 334 
MET CA    CB     sing N N 335 
MET CA    HA     sing N N 336 
MET C     O      doub N N 337 
MET C     OXT    sing N N 338 
MET CB    CG     sing N N 339 
MET CB    HB2    sing N N 340 
MET CB    HB3    sing N N 341 
MET CG    SD     sing N N 342 
MET CG    HG2    sing N N 343 
MET CG    HG3    sing N N 344 
MET SD    CE     sing N N 345 
MET CE    HE1    sing N N 346 
MET CE    HE2    sing N N 347 
MET CE    HE3    sing N N 348 
MET OXT   HXT    sing N N 349 
PHE N     CA     sing N N 350 
PHE N     H      sing N N 351 
PHE N     H2     sing N N 352 
PHE CA    C      sing N N 353 
PHE CA    CB     sing N N 354 
PHE CA    HA     sing N N 355 
PHE C     O      doub N N 356 
PHE C     OXT    sing N N 357 
PHE CB    CG     sing N N 358 
PHE CB    HB2    sing N N 359 
PHE CB    HB3    sing N N 360 
PHE CG    CD1    doub Y N 361 
PHE CG    CD2    sing Y N 362 
PHE CD1   CE1    sing Y N 363 
PHE CD1   HD1    sing N N 364 
PHE CD2   CE2    doub Y N 365 
PHE CD2   HD2    sing N N 366 
PHE CE1   CZ     doub Y N 367 
PHE CE1   HE1    sing N N 368 
PHE CE2   CZ     sing Y N 369 
PHE CE2   HE2    sing N N 370 
PHE CZ    HZ     sing N N 371 
PHE OXT   HXT    sing N N 372 
PRO N     CA     sing N N 373 
PRO N     CD     sing N N 374 
PRO N     H      sing N N 375 
PRO CA    C      sing N N 376 
PRO CA    CB     sing N N 377 
PRO CA    HA     sing N N 378 
PRO C     O      doub N N 379 
PRO C     OXT    sing N N 380 
PRO CB    CG     sing N N 381 
PRO CB    HB2    sing N N 382 
PRO CB    HB3    sing N N 383 
PRO CG    CD     sing N N 384 
PRO CG    HG2    sing N N 385 
PRO CG    HG3    sing N N 386 
PRO CD    HD2    sing N N 387 
PRO CD    HD3    sing N N 388 
PRO OXT   HXT    sing N N 389 
SER N     CA     sing N N 390 
SER N     H      sing N N 391 
SER N     H2     sing N N 392 
SER CA    C      sing N N 393 
SER CA    CB     sing N N 394 
SER CA    HA     sing N N 395 
SER C     O      doub N N 396 
SER C     OXT    sing N N 397 
SER CB    OG     sing N N 398 
SER CB    HB2    sing N N 399 
SER CB    HB3    sing N N 400 
SER OG    HG     sing N N 401 
SER OXT   HXT    sing N N 402 
THR N     CA     sing N N 403 
THR N     H      sing N N 404 
THR N     H2     sing N N 405 
THR CA    C      sing N N 406 
THR CA    CB     sing N N 407 
THR CA    HA     sing N N 408 
THR C     O      doub N N 409 
THR C     OXT    sing N N 410 
THR CB    OG1    sing N N 411 
THR CB    CG2    sing N N 412 
THR CB    HB     sing N N 413 
THR OG1   HG1    sing N N 414 
THR CG2   HG21   sing N N 415 
THR CG2   HG22   sing N N 416 
THR CG2   HG23   sing N N 417 
THR OXT   HXT    sing N N 418 
TRP N     CA     sing N N 419 
TRP N     H      sing N N 420 
TRP N     H2     sing N N 421 
TRP CA    C      sing N N 422 
TRP CA    CB     sing N N 423 
TRP CA    HA     sing N N 424 
TRP C     O      doub N N 425 
TRP C     OXT    sing N N 426 
TRP CB    CG     sing N N 427 
TRP CB    HB2    sing N N 428 
TRP CB    HB3    sing N N 429 
TRP CG    CD1    doub Y N 430 
TRP CG    CD2    sing Y N 431 
TRP CD1   NE1    sing Y N 432 
TRP CD1   HD1    sing N N 433 
TRP CD2   CE2    doub Y N 434 
TRP CD2   CE3    sing Y N 435 
TRP NE1   CE2    sing Y N 436 
TRP NE1   HE1    sing N N 437 
TRP CE2   CZ2    sing Y N 438 
TRP CE3   CZ3    doub Y N 439 
TRP CE3   HE3    sing N N 440 
TRP CZ2   CH2    doub Y N 441 
TRP CZ2   HZ2    sing N N 442 
TRP CZ3   CH2    sing Y N 443 
TRP CZ3   HZ3    sing N N 444 
TRP CH2   HH2    sing N N 445 
TRP OXT   HXT    sing N N 446 
TYR N     CA     sing N N 447 
TYR N     H      sing N N 448 
TYR N     H2     sing N N 449 
TYR CA    C      sing N N 450 
TYR CA    CB     sing N N 451 
TYR CA    HA     sing N N 452 
TYR C     O      doub N N 453 
TYR C     OXT    sing N N 454 
TYR CB    CG     sing N N 455 
TYR CB    HB2    sing N N 456 
TYR CB    HB3    sing N N 457 
TYR CG    CD1    doub Y N 458 
TYR CG    CD2    sing Y N 459 
TYR CD1   CE1    sing Y N 460 
TYR CD1   HD1    sing N N 461 
TYR CD2   CE2    doub Y N 462 
TYR CD2   HD2    sing N N 463 
TYR CE1   CZ     doub Y N 464 
TYR CE1   HE1    sing N N 465 
TYR CE2   CZ     sing Y N 466 
TYR CE2   HE2    sing N N 467 
TYR CZ    OH     sing N N 468 
TYR OH    HH     sing N N 469 
TYR OXT   HXT    sing N N 470 
U   OP3   P      sing N N 471 
U   OP3   HOP3   sing N N 472 
U   P     OP1    doub N N 473 
U   P     OP2    sing N N 474 
U   P     "O5'"  sing N N 475 
U   OP2   HOP2   sing N N 476 
U   "O5'" "C5'"  sing N N 477 
U   "C5'" "C4'"  sing N N 478 
U   "C5'" "H5'"  sing N N 479 
U   "C5'" "H5''" sing N N 480 
U   "C4'" "O4'"  sing N N 481 
U   "C4'" "C3'"  sing N N 482 
U   "C4'" "H4'"  sing N N 483 
U   "O4'" "C1'"  sing N N 484 
U   "C3'" "O3'"  sing N N 485 
U   "C3'" "C2'"  sing N N 486 
U   "C3'" "H3'"  sing N N 487 
U   "O3'" "HO3'" sing N N 488 
U   "C2'" "O2'"  sing N N 489 
U   "C2'" "C1'"  sing N N 490 
U   "C2'" "H2'"  sing N N 491 
U   "O2'" "HO2'" sing N N 492 
U   "C1'" N1     sing N N 493 
U   "C1'" "H1'"  sing N N 494 
U   N1    C2     sing N N 495 
U   N1    C6     sing N N 496 
U   C2    O2     doub N N 497 
U   C2    N3     sing N N 498 
U   N3    C4     sing N N 499 
U   N3    H3     sing N N 500 
U   C4    O4     doub N N 501 
U   C4    C5     sing N N 502 
U   C5    C6     doub N N 503 
U   C5    H5     sing N N 504 
U   C6    H6     sing N N 505 
VAL N     CA     sing N N 506 
VAL N     H      sing N N 507 
VAL N     H2     sing N N 508 
VAL CA    C      sing N N 509 
VAL CA    CB     sing N N 510 
VAL CA    HA     sing N N 511 
VAL C     O      doub N N 512 
VAL C     OXT    sing N N 513 
VAL CB    CG1    sing N N 514 
VAL CB    CG2    sing N N 515 
VAL CB    HB     sing N N 516 
VAL CG1   HG11   sing N N 517 
VAL CG1   HG12   sing N N 518 
VAL CG1   HG13   sing N N 519 
VAL CG2   HG21   sing N N 520 
VAL CG2   HG22   sing N N 521 
VAL CG2   HG23   sing N N 522 
VAL OXT   HXT    sing N N 523 
# 
loop_
_pdbx_coordinate_model.asym_id 
_pdbx_coordinate_model.type 
A 'P ATOMS ONLY'  
B 'CA ATOMS ONLY' 
# 
_atom_sites.entry_id                    1EMI 
_atom_sites.fract_transf_matrix[1][1]   -0.00166006 
_atom_sites.fract_transf_matrix[1][2]   0.00010850 
_atom_sites.fract_transf_matrix[1][3]   -0.00105328 
_atom_sites.fract_transf_matrix[2][1]   0.00030294 
_atom_sites.fract_transf_matrix[2][2]   -0.00182810 
_atom_sites.fract_transf_matrix[2][3]   -0.00066577 
_atom_sites.fract_transf_matrix[3][1]   -0.00064153 
_atom_sites.fract_transf_matrix[3][2]   -0.00045738 
_atom_sites.fract_transf_matrix[3][3]   0.00096399 
_atom_sites.fract_transf_vector[1]      -0.043424 
_atom_sites.fract_transf_vector[2]      0.120383 
_atom_sites.fract_transf_vector[3]      0.418081 
# 
loop_
_atom_type.symbol 
C 
P 
# 
loop_
_atom_site.group_PDB 
_atom_site.id 
_atom_site.type_symbol 
_atom_site.label_atom_id 
_atom_site.label_alt_id 
_atom_site.label_comp_id 
_atom_site.label_asym_id 
_atom_site.label_entity_id 
_atom_site.label_seq_id 
_atom_site.pdbx_PDB_ins_code 
_atom_site.Cartn_x 
_atom_site.Cartn_y 
_atom_site.Cartn_z 
_atom_site.occupancy 
_atom_site.B_iso_or_equiv 
_atom_site.pdbx_formal_charge 
_atom_site.auth_seq_id 
_atom_site.auth_comp_id 
_atom_site.auth_asym_id 
_atom_site.auth_atom_id 
_atom_site.pdbx_PDB_model_num 
ATOM 1   P P  . G   A 1 1   ? -19.115 -18.456 -29.828 1.00 0.00   ? 577 G   B P  1 
ATOM 2   P P  . C   A 1 2   ? -22.810 -17.914 -25.428 1.00 0.00   ? 578 C   B P  1 
ATOM 3   P P  . A   A 1 3   ? -26.151 -19.361 -21.108 1.00 0.00   ? 579 A   B P  1 
ATOM 4   P P  . C   A 1 4   ? -27.252 -22.387 -16.457 1.00 0.00   ? 580 C   B P  1 
ATOM 5   P P  . G   A 1 5   ? -22.772 -26.158 -13.895 1.00 0.00   ? 581 G   B P  1 
ATOM 6   P P  . C   A 1 6   ? -19.017 -29.629 -14.519 1.00 0.00   ? 582 C   B P  1 
ATOM 7   P P  . A   A 1 7   ? -16.146 -29.016 -11.639 1.00 0.00   ? 583 A   B P  1 
ATOM 8   P P  . G   A 1 8   ? -12.924 -26.761 -7.653  1.00 0.00   ? 584 G   B P  1 
ATOM 9   P P  . G   A 1 9   ? -9.206  -23.107 -6.411  1.00 0.00   ? 585 G   B P  1 
ATOM 10  P P  . C   A 1 10  ? -9.889  -17.310 -5.571  1.00 0.00   ? 586 C   B P  1 
ATOM 11  P P  . G   A 1 11  ? -14.295 -13.671 -3.725  1.00 0.00   ? 587 G   B P  1 
ATOM 12  P P  . G   A 1 12  ? -16.338 -8.992  -1.323  1.00 0.00   ? 588 G   B P  1 
ATOM 13  P P  . U   A 1 13  ? -16.896 -6.081  2.242   1.00 0.00   ? 589 U   B P  1 
ATOM 14  P P  . U   A 1 14  ? -16.977 -4.583  7.704   1.00 0.00   ? 590 U   B P  1 
ATOM 15  P P  . U   A 1 15  ? -17.194 -6.354  13.088  1.00 0.00   ? 591 U   B P  1 
ATOM 16  P P  . G   A 1 16  ? -17.296 -10.484 17.233  1.00 0.00   ? 592 G   B P  1 
ATOM 17  P P  . U   A 1 17  ? -16.420 -15.664 19.462  1.00 0.00   ? 593 U   B P  1 
ATOM 18  P P  . U   A 1 18  ? -13.072 -20.456 18.442  1.00 0.00   ? 594 U   B P  1 
ATOM 19  P P  . A   A 1 19  ? -10.367 -24.964 16.974  1.00 0.00   ? 595 A   B P  1 
ATOM 20  P P  . A   A 1 20  ? -7.449  -28.881 12.099  1.00 0.00   ? 596 A   B P  1 
ATOM 21  P P  . G   A 1 21  ? -3.196  -28.238 8.279   1.00 0.00   ? 597 G   B P  1 
ATOM 22  P P  . U   A 1 22  ? 0.249   -24.936 8.130   1.00 0.00   ? 598 U   B P  1 
ATOM 23  P P  . C   A 1 23  ? 2.823   -20.668 9.139   1.00 0.00   ? 599 C   B P  1 
ATOM 24  P P  . A   A 1 24  ? 6.262   -18.101 12.680  1.00 0.00   ? 600 A   B P  1 
ATOM 25  P P  . G   A 1 25  ? 8.900   -18.420 17.571  1.00 0.00   ? 601 G   B P  1 
ATOM 26  P P  . A   A 1 26  ? 10.582  -21.014 22.751  1.00 0.00   ? 602 A   B P  1 
ATOM 27  P P  . U   A 1 27  ? 11.782  -25.450 25.923  1.00 0.00   ? 603 U   B P  1 
ATOM 28  P P  . G   A 1 28  ? 12.435  -31.403 25.682  1.00 0.00   ? 604 G   B P  1 
ATOM 29  P P  . U   A 1 29  ? 12.812  -36.700 22.759  1.00 0.00   ? 605 U   B P  1 
ATOM 30  P P  . G   A 1 30  ? 13.687  -40.756 18.536  1.00 0.00   ? 606 G   B P  1 
ATOM 31  P P  . A   A 1 31  ? 18.291  -38.426 13.728  1.00 0.00   ? 607 A   B P  1 
ATOM 32  P P  . A   A 1 32  ? 23.198  -39.304 13.204  1.00 0.00   ? 608 A   B P  1 
ATOM 33  P P  . A   A 1 33  ? 27.669  -38.063 9.652   1.00 0.00   ? 609 A   B P  1 
ATOM 34  P P  . U   A 1 34  ? 29.017  -33.654 6.727   1.00 0.00   ? 610 U   B P  1 
ATOM 35  P P  . C   A 1 35  ? 31.405  -30.361 4.730   1.00 0.00   ? 611 C   B P  1 
ATOM 36  P P  . C   A 1 36  ? 32.573  -24.002 7.549   1.00 0.00   ? 612 C   B P  1 
ATOM 37  P P  . C   A 1 37  ? 36.654  -21.594 13.147  1.00 0.00   ? 613 C   B P  1 
ATOM 38  P P  . C   A 1 38  ? 41.891  -23.155 16.314  1.00 0.00   ? 614 C   B P  1 
ATOM 39  P P  . G   A 1 39  ? 45.764  -27.125 18.629  1.00 0.00   ? 615 G   B P  1 
ATOM 40  P P  . G   A 1 40  ? 49.172  -31.437 18.117  1.00 0.00   ? 616 G   B P  1 
ATOM 41  P P  . G   A 1 41  ? 51.560  -35.235 14.859  1.00 0.00   ? 617 G   B P  1 
ATOM 42  P P  . C   A 1 42  ? 53.766  -35.853 10.776  1.00 0.00   ? 618 C   B P  1 
ATOM 43  P P  . U   A 1 43  ? 53.506  -31.523 10.246  1.00 0.00   ? 619 U   B P  1 
ATOM 44  P P  . C   A 1 44  ? 51.293  -27.252 9.405   1.00 0.00   ? 620 C   B P  1 
ATOM 45  P P  . A   A 1 45  ? 49.429  -29.620 4.802   1.00 0.00   ? 621 A   B P  1 
ATOM 46  P P  . A   A 1 46  ? 45.345  -29.698 1.867   1.00 0.00   ? 622 A   B P  1 
ATOM 47  P P  . C   A 1 47  ? 40.199  -28.424 2.098   1.00 0.00   ? 623 C   B P  1 
ATOM 48  P P  . C   A 1 48  ? 38.525  -33.520 3.341   1.00 0.00   ? 624 C   B P  1 
ATOM 49  P P  . U   A 1 49  ? 37.663  -38.169 7.076   1.00 0.00   ? 625 U   B P  1 
ATOM 50  P P  . G   A 1 50  ? 36.786  -40.539 11.925  1.00 0.00   ? 626 G   B P  1 
ATOM 51  P P  . G   A 1 51  ? 34.913  -38.735 17.788  1.00 0.00   ? 627 G   B P  1 
ATOM 52  P P  . G   A 1 52  ? 33.100  -34.597 21.938  1.00 0.00   ? 628 G   B P  1 
ATOM 53  P P  . A   A 1 53  ? 29.941  -27.384 19.494  1.00 0.00   ? 629 A   B P  1 
ATOM 54  P P  . A   A 1 54  ? 25.504  -24.669 15.431  1.00 0.00   ? 630 A   B P  1 
ATOM 55  P P  . C   A 1 55  ? 21.515  -24.154 11.420  1.00 0.00   ? 631 C   B P  1 
ATOM 56  P P  . U   A 1 56  ? 15.983  -24.455 7.460   1.00 0.00   ? 632 U   B P  1 
ATOM 57  P P  . G   A 1 57  ? 11.117  -26.943 7.602   1.00 0.00   ? 633 G   B P  1 
ATOM 58  P P  . C   A 1 58  ? 5.867   -30.487 8.626   1.00 0.00   ? 634 C   B P  1 
ATOM 59  P P  . A   A 1 59  ? 1.980   -32.686 12.164  1.00 0.00   ? 635 A   B P  1 
ATOM 60  P P  . U   A 1 60  ? -0.894  -33.306 17.370  1.00 0.00   ? 636 U   B P  1 
ATOM 61  P P  . C   A 1 61  ? -3.041  -31.585 21.935  1.00 0.00   ? 637 C   B P  1 
ATOM 62  P P  . U   A 1 62  ? -4.156  -27.155 25.140  1.00 0.00   ? 638 U   B P  1 
ATOM 63  P P  . G   A 1 63  ? -4.996  -21.131 25.467  1.00 0.00   ? 639 G   B P  1 
ATOM 64  P P  . A   A 1 64  ? -5.899  -16.075 23.217  1.00 0.00   ? 640 A   B P  1 
ATOM 65  P P  . U   A 1 65  ? -5.460  -14.181 18.180  1.00 0.00   ? 641 U   B P  1 
ATOM 66  P P  . A   A 1 66  ? -9.326  -12.864 14.935  1.00 0.00   ? 642 A   B P  1 
ATOM 67  P P  . C   A 1 67  ? -7.221  -8.958  12.146  1.00 0.00   ? 643 C   B P  1 
ATOM 68  P P  . U   A 1 68  ? -9.451  -11.713 7.727   1.00 0.00   ? 644 U   B P  1 
ATOM 69  P P  . G   A 1 69  ? -10.335 -14.043 1.557   1.00 0.00   ? 645 G   B P  1 
ATOM 70  P P  . G   A 1 70  ? -13.832 -18.161 1.397   1.00 0.00   ? 646 G   B P  1 
ATOM 71  P P  . C   A 1 71  ? -18.495 -21.563 3.558   1.00 0.00   ? 647 C   B P  1 
ATOM 72  P P  . A   A 1 72  ? -23.201 -22.132 6.002   1.00 0.00   ? 648 A   B P  1 
ATOM 73  P P  . A   A 1 73  ? -27.465 -19.854 8.878   1.00 0.00   ? 649 A   B P  1 
ATOM 74  P P  . G   A 1 74  ? -30.629 -15.154 9.847   1.00 0.00   ? 650 G   B P  1 
ATOM 75  P P  . C   A 1 75  ? -32.524 -9.908  8.527   1.00 0.00   ? 651 C   B P  1 
ATOM 76  P P  . U   A 1 76  ? -28.752 -6.779  5.416   1.00 0.00   ? 652 U   B P  1 
ATOM 77  P P  . U   A 1 77  ? -29.743 -3.087  -0.364  1.00 0.00   ? 653 U   B P  1 
ATOM 78  P P  . G   A 1 78  ? -25.512 -1.865  -4.829  1.00 0.00   ? 654 G   B P  1 
ATOM 79  P P  . A   A 1 79  ? -24.201 -4.002  -11.333 1.00 0.00   ? 655 A   B P  1 
ATOM 80  P P  . G   A 1 80  ? -27.948 -7.684  -14.319 1.00 0.00   ? 656 G   B P  1 
ATOM 81  P P  . U   A 1 81  ? -32.943 -10.387 -15.096 1.00 0.00   ? 657 U   B P  1 
ATOM 82  P P  . C   A 1 82  ? -38.608 -10.553 -15.108 1.00 0.00   ? 658 C   B P  1 
ATOM 83  P P  . U   A 1 83  ? -43.758 -7.329  -14.184 1.00 0.00   ? 659 U   B P  1 
ATOM 84  P P  . C   A 1 84  ? -47.147 -3.668  -16.455 1.00 0.00   ? 660 C   B P  1 
ATOM 85  P P  . G   A 1 85  ? -47.951 0.290   -20.618 1.00 0.00   ? 661 G   B P  1 
ATOM 86  P P  . U   A 1 86  ? -46.091 3.394   -24.917 1.00 0.00   ? 662 U   B P  1 
ATOM 87  P P  . A   A 1 87  ? -30.828 -3.980  -22.267 1.00 0.00   ? 743 A   B P  1 
ATOM 88  P P  . C   A 1 88  ? -30.121 1.452   -21.380 1.00 0.00   ? 744 C   B P  1 
ATOM 89  P P  . G   A 1 89  ? -31.936 6.162   -19.244 1.00 0.00   ? 745 G   B P  1 
ATOM 90  P P  . A   A 1 90  ? -34.846 8.412   -14.789 1.00 0.00   ? 746 A   B P  1 
ATOM 91  P P  . A   A 1 91  ? -36.601 6.143   -9.476  1.00 0.00   ? 747 A   B P  1 
ATOM 92  P P  . G   A 1 92  ? -35.486 4.061   -5.062  1.00 0.00   ? 748 G   B P  1 
ATOM 93  P P  . A   A 1 93  ? -38.213 0.272   -1.827  1.00 0.00   ? 749 A   B P  1 
ATOM 94  P P  . C   A 1 94  ? -38.983 -4.959  0.172   1.00 0.00   ? 750 C   B P  1 
ATOM 95  P P  . U   A 1 95  ? -36.872 -11.028 0.779   1.00 0.00   ? 751 U   B P  1 
ATOM 96  P P  . G   A 1 96  ? -30.490 -11.615 -0.005  1.00 0.00   ? 752 G   B P  1 
ATOM 97  P P  . A   A 1 97  ? -24.572 -10.940 -2.949  1.00 0.00   ? 753 A   B P  1 
ATOM 98  P P  . C   A 1 98  ? -25.002 -15.703 -4.597  1.00 0.00   ? 754 C   B P  1 
ATOM 99  P P  . G   A 1 99  ? -25.824 -17.199 -10.759 1.00 0.00   ? 755 G   B P  1 
ATOM 100 P P  . C   A 1 100 ? -23.176 -14.629 -14.864 1.00 0.00   ? 756 C   B P  1 
ATOM 101 P P  . U   A 1 101 ? -18.144 -14.809 -18.183 1.00 0.00   ? 757 U   B P  1 
ATOM 102 P P  . C   A 1 102 ? -15.483 -19.588 -19.639 1.00 0.00   ? 758 C   B P  1 
ATOM 103 P P  . A   A 1 103 ? -14.750 -23.401 -21.306 1.00 0.00   ? 759 A   B P  1 
ATOM 104 P P  . G   A 1 104 ? -12.490 -27.584 -21.784 1.00 0.00   ? 760 G   B P  1 
ATOM 105 P P  . G   A 1 105 ? -13.303 -31.859 -22.927 1.00 0.00   ? 761 G   B P  1 
ATOM 106 P P  . U   A 1 106 ? -16.781 -34.427 -23.564 1.00 0.00   ? 762 U   B P  1 
ATOM 107 P P  . G   A 1 107 ? -23.091 -35.960 -25.662 1.00 0.00   ? 763 G   B P  1 
ATOM 108 P P  . C   A 1 108 ? -27.597 -34.409 -28.701 1.00 0.00   ? 764 C   B P  1 
ATOM 109 P P  . G   A 1 109 ? -6.806  -15.145 -26.845 1.00 0.00   ? 821 G   B P  1 
ATOM 110 P P  . U   A 1 110 ? -6.281  -10.029 -28.508 1.00 0.00   ? 822 U   B P  1 
ATOM 111 P P  . C   A 1 111 ? -12.520 -10.113 -26.967 1.00 0.00   ? 823 C   B P  1 
ATOM 112 P P  . G   A 1 112 ? -16.718 -9.621  -23.099 1.00 0.00   ? 824 G   B P  1 
ATOM 113 P P  . A   A 1 113 ? -19.032 -7.714  -18.072 1.00 0.00   ? 825 A   B P  1 
ATOM 114 P P  . C   A 1 114 ? -19.167 -3.684  -14.062 1.00 0.00   ? 826 C   B P  1 
ATOM 115 P P  . U   A 1 115 ? -13.110 0.164   -12.862 1.00 0.00   ? 827 U   B P  1 
ATOM 116 P P  . U   A 1 116 ? -9.985  4.021   -15.102 1.00 0.00   ? 828 U   B P  1 
ATOM 117 P P  . G   A 1 117 ? -7.812  8.449   -16.612 1.00 0.00   ? 829 G   B P  1 
ATOM 118 P P  . G   A 1 118 ? -10.393 13.967  -19.347 1.00 0.00   ? 830 G   B P  1 
ATOM 119 P P  . A   A 1 119 ? -13.717 15.885  -24.473 1.00 0.00   ? 831 A   B P  1 
ATOM 120 P P  . G   A 1 120 ? -16.019 17.247  -29.644 1.00 0.00   ? 832 G   B P  1 
ATOM 121 P P  . G   A 1 121 ? -18.697 16.200  -34.354 1.00 0.00   ? 833 G   B P  1 
ATOM 122 P P  . U   A 1 122 ? -21.775 13.167  -36.192 1.00 0.00   ? 834 U   B P  1 
ATOM 123 P P  . U   A 1 123 ? -26.124 9.471   -37.189 1.00 0.00   ? 835 U   B P  1 
ATOM 124 P P  . G   A 1 124 ? -30.548 6.774   -36.332 1.00 0.00   ? 836 G   B P  1 
ATOM 125 P P  . U   A 1 125 ? -33.977 3.493   -32.573 1.00 0.00   ? 837 U   B P  1 
ATOM 126 P P  . G   A 1 126 ? -36.413 5.743   -28.246 1.00 0.00   ? 838 G   B P  1 
ATOM 127 P P  . C   A 1 127 ? -36.309 10.309  -22.999 1.00 0.00   ? 841 C   B P  1 
ATOM 128 P P  . U   A 1 128 ? -34.543 15.453  -21.751 1.00 0.00   ? 842 U   B P  1 
ATOM 129 P P  . U   A 1 129 ? -32.542 19.350  -23.842 1.00 0.00   ? 843 U   B P  1 
ATOM 130 P P  . C   A 1 130 ? -25.090 20.355  -24.946 1.00 0.00   ? 848 C   B P  1 
ATOM 131 P P  . G   A 1 131 ? -26.094 14.959  -20.080 1.00 0.00   ? 849 G   B P  1 
ATOM 132 P P  . U   A 1 132 ? -26.587 9.481   -18.135 1.00 0.00   ? 850 U   B P  1 
ATOM 133 P P  . G   A 1 133 ? -23.513 3.657   -19.847 1.00 0.00   ? 851 G   B P  1 
ATOM 134 P P  . G   A 1 134 ? -21.682 -0.596  -24.214 1.00 0.00   ? 852 G   B P  1 
ATOM 135 P P  . C   A 1 135 ? -19.972 -2.109  -29.943 1.00 0.00   ? 853 C   B P  1 
ATOM 136 P P  . U   A 1 136 ? -16.924 0.411   -35.820 1.00 0.00   ? 854 U   B P  1 
ATOM 137 P P  . U   A 1 137 ? -11.388 5.240   -37.675 1.00 0.00   ? 855 U   B P  1 
ATOM 138 P P  . C   A 1 138 ? -7.091  8.319   -36.916 1.00 0.00   ? 856 C   B P  1 
ATOM 139 P P  . C   A 1 139 ? -2.316  11.043  -32.568 1.00 0.00   ? 857 C   B P  1 
ATOM 140 P P  . G   A 1 140 ? -0.450  12.061  -25.612 1.00 0.00   ? 858 G   B P  1 
ATOM 141 P P  . G   A 1 141 ? 1.952   8.075   -21.243 1.00 0.00   ? 859 G   B P  1 
ATOM 142 P P  . A   A 1 142 ? 2.830   1.739   -22.476 1.00 0.00   ? 860 A   B P  1 
ATOM 143 P P  . G   A 1 143 ? 3.873   1.236   -25.793 1.00 0.00   ? 861 G   B P  1 
ATOM 144 P P  . C   A 1 144 ? 7.611   -1.806  -27.792 1.00 0.00   ? 862 C   B P  1 
ATOM 145 P P  . U   A 1 145 ? 9.932   -0.901  -32.076 1.00 0.00   ? 863 U   B P  1 
ATOM 146 P P  . A   A 1 146 ? 6.104   -0.312  -36.795 1.00 0.00   ? 864 A   B P  1 
ATOM 147 P P  . A   A 1 147 ? 2.218   2.146   -37.512 1.00 0.00   ? 865 A   B P  1 
ATOM 148 P P  . C   A 1 148 ? -2.194  1.921   -33.887 1.00 0.00   ? 866 C   B P  1 
ATOM 149 P P  . G   A 1 149 ? -6.167  2.826   -32.590 1.00 0.00   ? 867 G   B P  1 
ATOM 150 P P  . C   A 1 150 ? -6.178  -2.956  -29.539 1.00 0.00   ? 868 C   B P  1 
ATOM 151 P P  . G   A 1 151 ? -9.236  -3.218  -24.331 1.00 0.00   ? 869 G   B P  1 
ATOM 152 P P  . U   A 1 152 ? -7.683  1.120   -25.204 1.00 0.00   ? 870 U   B P  1 
ATOM 153 P P  . U   A 1 153 ? -8.708  6.846   -28.132 1.00 0.00   ? 871 U   B P  1 
ATOM 154 P P  . A   A 1 154 ? -13.157 5.510   -21.576 1.00 0.00   ? 872 A   B P  1 
ATOM 155 P P  . A   A 1 155 ? -7.459  3.463   -22.682 1.00 0.00   ? 873 A   B P  1 
ATOM 156 P P  . G   A 1 156 ? -4.583  0.363   -19.805 1.00 0.00   ? 874 G   B P  1 
ATOM 157 P P  . U   A 1 157 ? -2.574  -2.398  -14.943 1.00 0.00   ? 875 U   B P  1 
ATOM 158 P P  . C   A 1 158 ? -3.385  -6.010  -10.926 1.00 0.00   ? 876 C   B P  1 
ATOM 159 P P  . G   A 1 159 ? -6.121  -11.652 -8.971  1.00 0.00   ? 877 G   B P  1 
ATOM 160 P P  . A   A 1 160 ? -8.555  -16.518 -11.369 1.00 0.00   ? 878 A   B P  1 
ATOM 161 P P  . C   A 1 161 ? -10.093 -21.108 -15.226 1.00 0.00   ? 879 C   B P  1 
ATOM 162 C CA . THR B 2 1   ? -11.573 -11.438 -7.427  1.00 90.68  ? 3   THR A CA 1 
ATOM 163 C CA . ASP B 2 2   ? -8.701  -10.024 -5.480  1.00 35.73  ? 4   ASP A CA 1 
ATOM 164 C CA . PRO B 2 3   ? -9.964  -6.735  -3.931  1.00 32.27  ? 5   PRO A CA 1 
ATOM 165 C CA . ILE B 2 4   ? -6.525  -5.864  -2.583  1.00 11.08  ? 6   ILE A CA 1 
ATOM 166 C CA . ALA B 2 5   ? -4.917  -6.167  -6.065  1.00 18.44  ? 7   ALA A CA 1 
ATOM 167 C CA . ASP B 2 6   ? -7.741  -4.196  -7.455  1.00 22.87  ? 8   ASP A CA 1 
ATOM 168 C CA . MET B 2 7   ? -7.185  -1.380  -4.912  1.00 13.44  ? 9   MET A CA 1 
ATOM 169 C CA . LEU B 2 8   ? -3.368  -1.269  -5.656  1.00 2.00   ? 10  LEU A CA 1 
ATOM 170 C CA . THR B 2 9   ? -3.968  -1.139  -9.375  1.00 20.85  ? 11  THR A CA 1 
ATOM 171 C CA . ARG B 2 10  ? -6.564  1.662   -8.841  1.00 9.57   ? 12  ARG A CA 1 
ATOM 172 C CA . ILE B 2 11  ? -3.984  3.588   -6.818  1.00 3.12   ? 13  ILE A CA 1 
ATOM 173 C CA . ARG B 2 12  ? -0.954  3.023   -9.221  1.00 3.43   ? 14  ARG A CA 1 
ATOM 174 C CA . ASN B 2 13  ? -3.187  3.940   -12.180 1.00 14.26  ? 15  ASN A CA 1 
ATOM 175 C CA . ALA B 2 14  ? -4.432  7.155   -10.660 1.00 21.31  ? 16  ALA A CA 1 
ATOM 176 C CA . THR B 2 15  ? -0.783  8.272   -9.958  1.00 14.80  ? 17  THR A CA 1 
ATOM 177 C CA . ARG B 2 16  ? 0.218   7.539   -13.500 1.00 12.88  ? 18  ARG A CA 1 
ATOM 178 C CA . VAL B 2 17  ? -2.219  10.174  -14.652 1.00 12.84  ? 19  VAL A CA 1 
ATOM 179 C CA . TYR B 2 18  ? -1.523  12.628  -11.811 1.00 14.83  ? 20  TYR A CA 1 
ATOM 180 C CA . LYS B 2 19  ? -4.996  12.446  -10.094 1.00 3.85   ? 21  LYS A CA 1 
ATOM 181 C CA . GLU B 2 20  ? -5.668  14.054  -6.732  1.00 16.98  ? 22  GLU A CA 1 
ATOM 182 C CA . SER B 2 21  ? -7.599  10.995  -5.430  1.00 17.88  ? 23  SER A CA 1 
ATOM 183 C CA . THR B 2 22  ? -9.222  7.678   -6.028  1.00 3.53   ? 24  THR A CA 1 
ATOM 184 C CA . ASP B 2 23  ? -12.094 5.859   -4.332  1.00 18.02  ? 25  ASP A CA 1 
ATOM 185 C CA . VAL B 2 24  ? -11.938 2.166   -3.671  1.00 3.04   ? 26  VAL A CA 1 
ATOM 186 C CA . PRO B 2 25  ? -14.867 0.246   -2.100  1.00 9.15   ? 27  PRO A CA 1 
ATOM 187 C CA . ALA B 2 26  ? -14.509 0.395   1.676   1.00 7.28   ? 28  ALA A CA 1 
ATOM 188 C CA . SER B 2 27  ? -13.252 -2.561  3.807   1.00 2.00   ? 29  SER A CA 1 
ATOM 189 C CA . ARG B 2 28  ? -11.469 -2.823  7.198   1.00 29.91  ? 30  ARG A CA 1 
ATOM 190 C CA . PHE B 2 29  ? -8.535  -4.655  5.688   1.00 26.46  ? 31  PHE A CA 1 
ATOM 191 C CA . LYS B 2 30  ? -8.160  -2.192  2.812   1.00 11.45  ? 32  LYS A CA 1 
ATOM 192 C CA . GLU B 2 31  ? -8.394  0.640   5.472   1.00 20.61  ? 33  GLU A CA 1 
ATOM 193 C CA . GLU B 2 32  ? -5.452  -0.736  7.413   1.00 31.88  ? 34  GLU A CA 1 
ATOM 194 C CA . ILE B 2 33  ? -3.260  -1.137  4.241   1.00 18.47  ? 35  ILE A CA 1 
ATOM 195 C CA . LEU B 2 34  ? -4.111  2.560   3.549   1.00 8.71   ? 36  LEU A CA 1 
ATOM 196 C CA . ARG B 2 35  ? -3.338  3.365   7.136   1.00 15.46  ? 37  ARG A CA 1 
ATOM 197 C CA . ILE B 2 36  ? 0.285   2.058   6.509   1.00 22.30  ? 38  ILE A CA 1 
ATOM 198 C CA . LEU B 2 37  ? 0.753   3.600   3.045   1.00 25.09  ? 39  LEU A CA 1 
ATOM 199 C CA . ALA B 2 38  ? -0.265  6.961   4.617   1.00 24.03  ? 40  ALA A CA 1 
ATOM 200 C CA . ARG B 2 39  ? 2.056   6.692   7.714   1.00 27.04  ? 41  ARG A CA 1 
ATOM 201 C CA . GLU B 2 40  ? 4.990   5.648   5.443   1.00 29.41  ? 42  GLU A CA 1 
ATOM 202 C CA . GLY B 2 41  ? 4.549   8.563   3.027   1.00 2.75   ? 43  GLY A CA 1 
ATOM 203 C CA . PHE B 2 42  ? 3.160   6.863   -0.113  1.00 6.35   ? 44  PHE A CA 1 
ATOM 204 C CA . ILE B 2 43  ? -0.154  8.624   -0.035  1.00 3.23   ? 45  ILE A CA 1 
ATOM 205 C CA . LYS B 2 44  ? -1.289  11.917  1.624   1.00 9.20   ? 46  LYS A CA 1 
ATOM 206 C CA . GLY B 2 45  ? -4.125  10.114  3.438   1.00 21.74  ? 47  GLY A CA 1 
ATOM 207 C CA . TYR B 2 46  ? -7.606  8.644   3.017   1.00 6.46   ? 48  TYR A CA 1 
ATOM 208 C CA . GLU B 2 47  ? -11.095 9.409   4.167   1.00 23.71  ? 49  GLU A CA 1 
ATOM 209 C CA . ARG B 2 48  ? -14.229 7.334   4.425   1.00 25.86  ? 50  ARG A CA 1 
ATOM 210 C CA . VAL B 2 49  ? -16.935 8.441   1.914   1.00 14.55  ? 51  VAL A CA 1 
ATOM 211 C CA . ASP B 2 50  ? -20.528 7.214   1.497   1.00 16.49  ? 52  ASP A CA 1 
ATOM 212 C CA . VAL B 2 51  ? -21.728 7.799   -1.936  1.00 28.01  ? 53  VAL A CA 1 
ATOM 213 C CA . ASP B 2 52  ? -25.448 6.970   -2.265  1.00 23.07  ? 54  ASP A CA 1 
ATOM 214 C CA . GLY B 2 53  ? -25.337 4.423   0.578   1.00 28.10  ? 55  GLY A CA 1 
ATOM 215 C CA . LYS B 2 54  ? -22.248 2.577   -0.540  1.00 20.92  ? 56  LYS A CA 1 
ATOM 216 C CA . PRO B 2 55  ? -19.091 2.919   1.549   1.00 21.77  ? 57  PRO A CA 1 
ATOM 217 C CA . TYR B 2 56  ? -15.960 3.948   -0.197  1.00 12.66  ? 58  TYR A CA 1 
ATOM 218 C CA . LEU B 2 57  ? -12.509 4.930   0.935   1.00 21.40  ? 59  LEU A CA 1 
ATOM 219 C CA . ARG B 2 58  ? -11.115 7.998   -0.832  1.00 10.28  ? 60  ARG A CA 1 
ATOM 220 C CA . VAL B 2 59  ? -7.383  7.910   -1.130  1.00 12.90  ? 61  VAL A CA 1 
ATOM 221 C CA . TYR B 2 60  ? -5.589  11.266  -1.489  1.00 2.10   ? 62  TYR A CA 1 
ATOM 222 C CA . LEU B 2 61  ? -2.632  10.747  -3.731  1.00 3.43   ? 63  LEU A CA 1 
ATOM 223 C CA . LYS B 2 62  ? 0.789   12.323  -3.036  1.00 15.34  ? 64  LYS A CA 1 
ATOM 224 C CA . TYR B 2 63  ? 3.244   13.716  -5.539  1.00 12.05  ? 65  TYR A CA 1 
ATOM 225 C CA . GLY B 2 64  ? 6.877   14.660  -5.040  1.00 34.60  ? 66  GLY A CA 1 
ATOM 226 C CA . PRO B 2 65  ? 8.822   17.723  -6.236  1.00 59.92  ? 67  PRO A CA 1 
ATOM 227 C CA . ARG B 2 66  ? 8.777   19.380  -9.653  1.00 77.96  ? 68  ARG A CA 1 
ATOM 228 C CA . ARG B 2 67  ? 11.140  17.970  -12.061 1.00 69.64  ? 69  ARG A CA 1 
ATOM 229 C CA . GLN B 2 68  ? 14.642  19.094  -12.484 1.00 93.34  ? 70  GLN A CA 1 
ATOM 230 C CA . GLY B 2 69  ? 14.075  21.443  -15.534 1.00 102.28 ? 71  GLY A CA 1 
ATOM 231 C CA . PRO B 2 70  ? 10.748  22.439  -17.513 1.00 75.35  ? 72  PRO A CA 1 
ATOM 232 C CA . ASP B 2 71  ? 8.939   19.259  -17.378 1.00 41.81  ? 73  ASP A CA 1 
ATOM 233 C CA . PRO B 2 72  ? 5.599   19.971  -15.485 1.00 27.31  ? 74  PRO A CA 1 
ATOM 234 C CA . ARG B 2 73  ? 5.133   16.473  -14.265 1.00 11.52  ? 75  ARG A CA 1 
ATOM 235 C CA . PRO B 2 74  ? 5.977   15.998  -10.554 1.00 6.09   ? 76  PRO A CA 1 
ATOM 236 C CA . GLU B 2 75  ? 8.238   13.373  -9.515  1.00 15.35  ? 77  GLU A CA 1 
ATOM 237 C CA . GLN B 2 76  ? 6.147   10.408  -8.292  1.00 14.53  ? 78  GLN A CA 1 
ATOM 238 C CA . VAL B 2 77  ? 6.190   8.982   -4.685  1.00 8.21   ? 79  VAL A CA 1 
ATOM 239 C CA . ILE B 2 78  ? 4.827   5.415   -5.301  1.00 5.91   ? 80  ILE A CA 1 
ATOM 240 C CA . HIS B 2 79  ? 8.216   4.806   -6.015  1.00 19.89  ? 81  HIS A CA 1 
ATOM 241 C CA . HIS B 2 80  ? 6.941   1.177   -6.107  1.00 22.14  ? 82  HIS A CA 1 
ATOM 242 C CA . ILE B 2 81  ? 3.841   -0.196  -4.311  1.00 12.20  ? 83  ILE A CA 1 
ATOM 243 C CA . ARG B 2 82  ? 2.875   -3.847  -5.179  1.00 20.32  ? 84  ARG A CA 1 
ATOM 244 C CA . ARG B 2 83  ? 0.847   -6.890  -4.005  1.00 18.84  ? 85  ARG A CA 1 
ATOM 245 C CA . ILE B 2 84  ? 2.496   -10.160 -3.297  1.00 11.42  ? 86  ILE A CA 1 
ATOM 246 C CA . SER B 2 85  ? -0.009  -12.481 -1.576  1.00 2.00   ? 87  SER A CA 1 
ATOM 247 C CA . LYS B 2 86  ? -3.465  -12.664 -3.263  1.00 15.09  ? 88  LYS A CA 1 
ATOM 248 C CA . PRO B 2 87  ? -6.680  -14.384 -4.406  1.00 26.62  ? 89  PRO A CA 1 
ATOM 249 C CA . GLY B 2 88  ? -5.679  -17.639 -5.786  1.00 36.62  ? 90  GLY A CA 1 
ATOM 250 C CA . ARG B 2 89  ? -2.030  -17.440 -5.228  1.00 23.28  ? 91  ARG A CA 1 
ATOM 251 C CA . ARG B 2 90  ? -1.402  -16.637 -1.497  1.00 6.12   ? 92  ARG A CA 1 
ATOM 252 C CA . VAL B 2 91  ? 2.135   -16.124 0.104   1.00 13.20  ? 93  VAL A CA 1 
ATOM 253 C CA . TYR B 2 92  ? 2.936   -16.834 3.711   1.00 7.22   ? 94  TYR A CA 1 
ATOM 254 C CA . VAL B 2 93  ? 6.318   -16.629 5.381   1.00 11.94  ? 95  VAL A CA 1 
ATOM 255 C CA . GLY B 2 94  ? 7.368   -17.478 8.937   1.00 18.29  ? 96  GLY A CA 1 
ATOM 256 C CA . VAL B 2 95  ? 9.537   -15.273 11.273  1.00 36.50  ? 97  VAL A CA 1 
ATOM 257 C CA . LYS B 2 96  ? 12.825  -16.755 9.971   1.00 51.64  ? 98  LYS A CA 1 
ATOM 258 C CA . GLU B 2 97  ? 11.751  -16.412 6.348   1.00 25.86  ? 99  GLU A CA 1 
ATOM 259 C CA . ILE B 2 98  ? 10.786  -12.649 6.248   1.00 21.95  ? 100 ILE A CA 1 
ATOM 260 C CA . PRO B 2 99  ? 12.765  -11.152 3.348   1.00 17.10  ? 101 PRO A CA 1 
ATOM 261 C CA . ARG B 2 100 ? 14.670  -7.934  3.485   1.00 45.81  ? 102 ARG A CA 1 
ATOM 262 C CA . VAL B 2 101 ? 12.960  -6.019  0.699   1.00 51.24  ? 103 VAL A CA 1 
ATOM 263 C CA . ARG B 2 102 ? 15.231  -4.126  -1.760  1.00 47.48  ? 104 ARG A CA 1 
ATOM 264 C CA . ARG B 2 103 ? 18.383  -4.717  0.277   1.00 42.74  ? 105 ARG A CA 1 
ATOM 265 C CA . GLY B 2 104 ? 16.925  -2.956  3.365   1.00 33.92  ? 106 GLY A CA 1 
ATOM 266 C CA . LEU B 2 105 ? 15.821  0.062   1.326   1.00 28.83  ? 107 LEU A CA 1 
ATOM 267 C CA . GLY B 2 106 ? 12.126  -0.934  1.084   1.00 21.76  ? 108 GLY A CA 1 
ATOM 268 C CA . ILE B 2 107 ? 9.377   -2.212  3.454   1.00 6.59   ? 109 ILE A CA 1 
ATOM 269 C CA . ALA B 2 108 ? 7.059   -5.176  3.200   1.00 14.76  ? 110 ALA A CA 1 
ATOM 270 C CA . ILE B 2 109 ? 3.706   -5.205  5.040   1.00 11.97  ? 111 ILE A CA 1 
ATOM 271 C CA . LEU B 2 110 ? 2.744   -8.545  6.585   1.00 11.09  ? 112 LEU A CA 1 
ATOM 272 C CA . SER B 2 111 ? -0.698  -9.498  8.054   1.00 15.65  ? 113 SER A CA 1 
ATOM 273 C CA . THR B 2 112 ? 0.306   -11.421 11.223  1.00 4.49   ? 114 THR A CA 1 
ATOM 274 C CA . SER B 2 113 ? -1.221  -12.815 14.343  1.00 47.02  ? 115 SER A CA 1 
ATOM 275 C CA . LYS B 2 114 ? -0.215  -9.689  16.166  1.00 41.45  ? 116 LYS A CA 1 
ATOM 276 C CA . GLY B 2 115 ? -1.880  -7.577  13.394  1.00 30.60  ? 117 GLY A CA 1 
ATOM 277 C CA . VAL B 2 116 ? -0.593  -5.652  10.336  1.00 16.61  ? 118 VAL A CA 1 
ATOM 278 C CA . LEU B 2 117 ? 3.085   -5.055  10.986  1.00 18.51  ? 119 LEU A CA 1 
ATOM 279 C CA . THR B 2 118 ? 6.115   -4.126  8.794   1.00 6.83   ? 120 THR A CA 1 
ATOM 280 C CA . ASP B 2 119 ? 8.670   -6.818  8.253   1.00 18.76  ? 121 ASP A CA 1 
ATOM 281 C CA . ARG B 2 120 ? 10.952  -5.035  10.664  1.00 30.22  ? 122 ARG A CA 1 
ATOM 282 C CA . GLU B 2 121 ? 8.175   -5.060  13.294  1.00 27.02  ? 123 GLU A CA 1 
ATOM 283 C CA . ALA B 2 122 ? 7.168   -8.672  12.567  1.00 20.92  ? 124 ALA A CA 1 
ATOM 284 C CA . ARG B 2 123 ? 10.708  -9.918  13.038  1.00 30.21  ? 125 ARG A CA 1 
ATOM 285 C CA . LYS B 2 124 ? 10.869  -8.100  16.317  1.00 40.29  ? 126 LYS A CA 1 
ATOM 286 C CA . LEU B 2 125 ? 7.650   -9.521  17.654  1.00 24.39  ? 127 LEU A CA 1 
ATOM 287 C CA . GLY B 2 126 ? 8.811   -12.877 16.336  1.00 40.52  ? 128 GLY A CA 1 
ATOM 288 C CA . VAL B 2 127 ? 5.897   -13.352 13.955  1.00 36.96  ? 129 VAL A CA 1 
ATOM 289 C CA . GLY B 2 128 ? 5.520   -14.332 10.425  1.00 12.26  ? 130 GLY A CA 1 
ATOM 290 C CA . GLY B 2 129 ? 2.418   -14.032 8.267   1.00 2.18   ? 131 GLY A CA 1 
ATOM 291 C CA . GLU B 2 130 ? 1.125   -13.169 4.862   1.00 10.52  ? 132 GLU A CA 1 
ATOM 292 C CA . LEU B 2 131 ? 3.231   -10.865 2.745   1.00 11.17  ? 133 LEU A CA 1 
ATOM 293 C CA . ILE B 2 132 ? 0.525   -8.319  1.729   1.00 7.58   ? 134 ILE A CA 1 
ATOM 294 C CA . CYS B 2 133 ? 2.767   -5.909  -0.330  1.00 19.07  ? 135 CYS A CA 1 
ATOM 295 C CA . GLU B 2 134 ? 6.214   -4.323  -0.823  1.00 18.72  ? 136 GLU A CA 1 
ATOM 296 C CA . VAL B 2 135 ? 6.844   -0.583  -1.031  1.00 19.26  ? 137 VAL A CA 1 
ATOM 297 C CA . TRP B 2 136 ? 9.728   1.877   -1.362  1.00 12.52  ? 138 TRP A CA 1 
# 
